data_6WIT
#
_entry.id   6WIT
#
_cell.length_a   74.409
_cell.length_b   89.809
_cell.length_c   172.782
_cell.angle_alpha   90.00
_cell.angle_beta   90.00
_cell.angle_gamma   90.00
#
_symmetry.space_group_name_H-M   'P 21 21 21'
#
loop_
_entity.id
_entity.type
_entity.pdbx_description
1 polymer 'NHP GN1-SD7 Fab Heavy Chain'
2 polymer 'NHP GN1-SD7 Fab Light Chain'
3 polymer '16055 V1V2 1FD6 Scaffold'
4 non-polymer 2-acetamido-2-deoxy-beta-D-glucopyranose
5 non-polymer 'SULFATE ION'
6 water water
#
loop_
_entity_poly.entity_id
_entity_poly.type
_entity_poly.pdbx_seq_one_letter_code
_entity_poly.pdbx_strand_id
1 'polypeptide(L)'
;EVQLVQSGAEVKKPGASMKISCKASGYTFTDYSLHWVRQTPGKGLEWMGRVDPEDGESHYAQKFQDRVTITADTSTDTAY
MEVRSLRSEDTAMYYCATDHREDGPTYFSGVQWVPFRFWGQGVLVTVSSASTKGPSVFPLAPS(UNK)(UNK)(UNK)
(UNK)(UNK)(UNK)GTAALGCLVKDYFPEPVTVSWNSGALTSGVHTFPAVLQSSGLYSLSSVVTVPSSSLGTQTYICNV
NHKPSNTKVDKRVEPKSC
;
A,H
2 'polypeptide(L)'
;VVFTQPHSVSGSPGQTVTISCTRSSGSIDSEYVQWYQQRPGSAPTTLIYKDNQRPSGVPDRFSGSIDSSSNSASLAISGL
KSEDEADYYCQSPDGRYNRVFGGGTRLTVLGQPKAAPSVTLFPPSSEELQANKATLVCLISDFYPGAVTVAWKADSSPVK
AGVETTTPSKQSNNKYAASSYLSLTPEQWKSHRSYSCQVTHEGSTVEKTVAPT
;
B,L
3 'polypeptide(L)'
;MTTFKLAACVTLECRQV(UNK)(UNK)(UNK)(UNK)(UNK)(UNK)(UNK)(UNK)(UNK)(UNK)(UNK)(UNK)
(UNK)(UNK)(UNK)(UNK)(UNK)(UNK)EIKNCSFNATT(UNK)(UNK)(UNK)DKKQKVYALFYRLDIVPLEEERKG
NSSKYRLINCQTTTTEAVDAATAAKVFKQYANDNGIDGEWTYDDATKTFTVTEGLE
;
C,I
#
# COMPACT_ATOMS: atom_id res chain seq x y z
N GLU A 1 4.46 0.76 -3.22
CA GLU A 1 4.29 -0.62 -3.77
C GLU A 1 4.63 -1.66 -2.71
N VAL A 2 5.91 -1.81 -2.40
CA VAL A 2 6.33 -2.79 -1.39
C VAL A 2 5.91 -2.31 -0.02
N GLN A 3 5.23 -3.18 0.73
CA GLN A 3 4.79 -2.89 2.08
C GLN A 3 5.08 -4.08 2.98
N LEU A 4 5.70 -3.81 4.12
CA LEU A 4 5.83 -4.76 5.21
C LEU A 4 4.97 -4.24 6.36
N VAL A 5 3.88 -4.94 6.67
CA VAL A 5 2.89 -4.47 7.64
C VAL A 5 2.95 -5.37 8.86
N GLN A 6 3.34 -4.81 10.00
CA GLN A 6 3.58 -5.57 11.21
C GLN A 6 2.34 -5.59 12.12
N SER A 7 2.40 -6.48 13.11
CA SER A 7 1.30 -6.66 14.05
C SER A 7 1.31 -5.54 15.09
N GLY A 8 0.30 -5.56 15.97
CA GLY A 8 0.12 -4.53 16.95
C GLY A 8 0.95 -4.72 18.21
N ALA A 9 1.09 -3.64 18.97
CA ALA A 9 1.91 -3.66 20.18
C ALA A 9 1.33 -4.62 21.21
N GLU A 10 2.19 -5.10 22.09
CA GLU A 10 1.79 -6.08 23.09
C GLU A 10 2.46 -5.77 24.42
N VAL A 11 1.97 -6.45 25.47
CA VAL A 11 2.61 -6.49 26.78
C VAL A 11 2.61 -7.95 27.22
N LYS A 12 3.69 -8.37 27.89
CA LYS A 12 3.84 -9.76 28.29
C LYS A 12 4.48 -9.86 29.66
N LYS A 13 4.08 -10.89 30.39
CA LYS A 13 4.67 -11.18 31.69
C LYS A 13 6.05 -11.79 31.50
N PRO A 14 6.98 -11.56 32.43
CA PRO A 14 8.27 -12.27 32.38
C PRO A 14 8.09 -13.78 32.31
N GLY A 15 8.99 -14.46 31.58
CA GLY A 15 8.86 -15.88 31.34
C GLY A 15 7.91 -16.28 30.24
N ALA A 16 7.03 -15.38 29.81
CA ALA A 16 6.06 -15.70 28.77
C ALA A 16 6.72 -15.64 27.40
N SER A 17 5.91 -15.64 26.34
CA SER A 17 6.41 -15.67 24.98
C SER A 17 5.57 -14.76 24.10
N MET A 18 6.09 -14.50 22.90
CA MET A 18 5.40 -13.70 21.89
C MET A 18 5.61 -14.34 20.53
N LYS A 19 4.62 -14.20 19.65
CA LYS A 19 4.75 -14.59 18.25
C LYS A 19 4.35 -13.37 17.41
N ILE A 20 5.34 -12.56 17.05
CA ILE A 20 5.12 -11.35 16.26
C ILE A 20 5.05 -11.71 14.78
N SER A 21 4.44 -10.83 13.98
CA SER A 21 4.18 -11.15 12.58
C SER A 21 4.35 -9.93 11.67
N CYS A 22 4.41 -10.21 10.36
CA CYS A 22 4.78 -9.21 9.37
C CYS A 22 4.28 -9.66 7.99
N LYS A 23 3.27 -8.97 7.47
CA LYS A 23 2.74 -9.27 6.13
C LYS A 23 3.52 -8.50 5.07
N ALA A 24 3.75 -9.16 3.93
CA ALA A 24 4.49 -8.57 2.82
C ALA A 24 3.61 -8.49 1.58
N SER A 25 3.75 -7.39 0.84
CA SER A 25 3.07 -7.22 -0.43
C SER A 25 3.94 -6.38 -1.33
N GLY A 26 3.70 -6.48 -2.63
CA GLY A 26 4.37 -5.65 -3.60
C GLY A 26 5.66 -6.21 -4.14
N TYR A 27 6.05 -7.41 -3.72
CA TYR A 27 7.20 -8.09 -4.31
C TYR A 27 6.93 -9.59 -4.23
N THR A 28 7.73 -10.34 -4.98
CA THR A 28 7.66 -11.80 -4.90
C THR A 28 8.26 -12.23 -3.57
N PHE A 29 7.38 -12.60 -2.64
CA PHE A 29 7.78 -12.90 -1.26
C PHE A 29 8.89 -13.94 -1.19
N THR A 30 8.91 -14.89 -2.11
CA THR A 30 9.88 -15.98 -2.08
C THR A 30 11.21 -15.65 -2.76
N ASP A 31 11.41 -14.41 -3.19
CA ASP A 31 12.67 -14.00 -3.80
C ASP A 31 13.65 -13.40 -2.80
N TYR A 32 13.17 -12.89 -1.67
CA TYR A 32 14.00 -12.17 -0.71
C TYR A 32 13.75 -12.70 0.68
N SER A 33 14.84 -12.91 1.42
CA SER A 33 14.71 -13.32 2.82
C SER A 33 14.19 -12.17 3.66
N LEU A 34 13.38 -12.49 4.66
CA LEU A 34 12.84 -11.51 5.59
C LEU A 34 13.64 -11.54 6.89
N HIS A 35 14.09 -10.37 7.33
CA HIS A 35 14.94 -10.23 8.50
C HIS A 35 14.15 -9.61 9.65
N TRP A 36 14.68 -9.78 10.86
CA TRP A 36 14.10 -9.18 12.06
C TRP A 36 15.20 -8.46 12.83
N VAL A 37 14.87 -7.26 13.32
CA VAL A 37 15.83 -6.36 13.96
C VAL A 37 15.14 -5.74 15.16
N ARG A 38 15.83 -5.75 16.30
CA ARG A 38 15.29 -5.24 17.55
C ARG A 38 15.98 -3.93 17.93
N GLN A 39 15.29 -3.11 18.74
CA GLN A 39 15.78 -1.79 19.15
C GLN A 39 15.30 -1.53 20.58
N THR A 40 16.15 -1.87 21.54
CA THR A 40 15.90 -1.52 22.92
C THR A 40 15.84 0.00 23.08
N PRO A 41 14.91 0.53 23.87
CA PRO A 41 14.72 1.98 23.91
C PRO A 41 15.97 2.72 24.39
N GLY A 42 16.36 3.76 23.65
CA GLY A 42 17.59 4.48 23.92
C GLY A 42 18.85 3.78 23.45
N LYS A 43 18.75 2.53 23.04
CA LYS A 43 19.85 1.75 22.51
C LYS A 43 19.68 1.58 21.00
N GLY A 44 20.69 0.95 20.37
CA GLY A 44 20.78 0.92 18.93
C GLY A 44 20.05 -0.26 18.30
N LEU A 45 20.22 -0.37 16.99
CA LEU A 45 19.64 -1.46 16.22
C LEU A 45 20.51 -2.72 16.36
N GLU A 46 19.87 -3.88 16.27
CA GLU A 46 20.53 -5.15 16.57
C GLU A 46 19.83 -6.26 15.78
N TRP A 47 20.57 -6.89 14.88
CA TRP A 47 19.99 -7.92 14.00
C TRP A 47 19.68 -9.19 14.77
N MET A 48 18.45 -9.68 14.62
CA MET A 48 18.02 -10.90 15.30
C MET A 48 18.31 -12.14 14.45
N GLY A 49 17.83 -12.16 13.21
CA GLY A 49 17.92 -13.34 12.38
C GLY A 49 17.19 -13.09 11.07
N ARG A 50 16.91 -14.19 10.37
CA ARG A 50 16.22 -14.10 9.09
C ARG A 50 15.57 -15.44 8.77
N VAL A 51 14.67 -15.40 7.78
CA VAL A 51 14.06 -16.62 7.24
C VAL A 51 13.98 -16.48 5.73
N ASP A 52 14.23 -17.59 5.02
CA ASP A 52 14.20 -17.63 3.57
C ASP A 52 12.88 -18.24 3.14
N PRO A 53 11.91 -17.45 2.64
CA PRO A 53 10.53 -17.95 2.56
C PRO A 53 10.32 -19.14 1.61
N GLU A 54 11.24 -19.43 0.69
CA GLU A 54 10.96 -20.50 -0.28
C GLU A 54 11.04 -21.88 0.36
N ASP A 55 11.64 -21.97 1.54
CA ASP A 55 11.69 -23.19 2.32
C ASP A 55 11.66 -22.79 3.79
N GLY A 56 12.07 -23.69 4.67
CA GLY A 56 12.06 -23.39 6.09
C GLY A 56 13.36 -22.85 6.65
N GLU A 57 14.32 -22.49 5.80
CA GLU A 57 15.66 -22.16 6.27
C GLU A 57 15.65 -20.85 7.05
N SER A 58 16.24 -20.89 8.25
CA SER A 58 16.29 -19.74 9.14
C SER A 58 17.66 -19.65 9.78
N HIS A 59 18.05 -18.44 10.17
CA HIS A 59 19.35 -18.18 10.76
C HIS A 59 19.22 -17.11 11.82
N TYR A 60 20.11 -17.15 12.82
CA TYR A 60 19.97 -16.33 14.02
C TYR A 60 21.33 -15.82 14.46
N ALA A 61 21.31 -14.72 15.20
CA ALA A 61 22.51 -14.17 15.82
C ALA A 61 22.89 -14.98 17.06
N GLN A 62 24.15 -14.84 17.47
CA GLN A 62 24.66 -15.61 18.58
C GLN A 62 23.86 -15.35 19.85
N LYS A 63 23.34 -14.15 20.03
CA LYS A 63 22.54 -13.85 21.22
C LYS A 63 21.22 -14.61 21.22
N PHE A 64 20.57 -14.68 20.07
CA PHE A 64 19.16 -15.01 20.00
C PHE A 64 18.89 -16.42 19.51
N GLN A 65 19.94 -17.19 19.21
CA GLN A 65 19.77 -18.54 18.69
C GLN A 65 19.07 -19.48 19.67
N ASP A 66 18.98 -19.11 20.95
CA ASP A 66 18.44 -20.00 21.97
C ASP A 66 16.92 -19.89 22.09
N ARG A 67 16.41 -18.66 22.15
CA ARG A 67 15.01 -18.43 22.49
C ARG A 67 14.13 -18.12 21.29
N VAL A 68 14.70 -17.69 20.18
CA VAL A 68 13.94 -17.14 19.07
C VAL A 68 13.71 -18.19 17.99
N THR A 69 12.59 -18.04 17.28
CA THR A 69 12.26 -18.92 16.17
C THR A 69 11.52 -18.10 15.10
N ILE A 70 12.13 -17.97 13.93
CA ILE A 70 11.59 -17.17 12.83
C ILE A 70 11.06 -18.12 11.77
N THR A 71 9.86 -17.83 11.27
CA THR A 71 9.20 -18.69 10.29
C THR A 71 8.55 -17.82 9.22
N ALA A 72 8.14 -18.46 8.12
CA ALA A 72 7.52 -17.76 7.01
C ALA A 72 6.41 -18.61 6.41
N ASP A 73 5.28 -17.97 6.11
CA ASP A 73 4.13 -18.59 5.47
C ASP A 73 3.95 -17.95 4.10
N THR A 74 4.12 -18.75 3.05
CA THR A 74 4.02 -18.25 1.69
C THR A 74 2.64 -18.47 1.09
N SER A 75 1.68 -18.95 1.87
CA SER A 75 0.27 -18.91 1.46
C SER A 75 -0.36 -17.56 1.81
N THR A 76 0.05 -16.96 2.92
CA THR A 76 -0.38 -15.64 3.32
C THR A 76 0.68 -14.57 3.04
N ASP A 77 1.87 -14.97 2.62
CA ASP A 77 3.02 -14.07 2.53
C ASP A 77 3.22 -13.31 3.83
N THR A 78 3.20 -14.05 4.94
CA THR A 78 3.41 -13.49 6.27
C THR A 78 4.60 -14.19 6.91
N ALA A 79 5.50 -13.40 7.52
CA ALA A 79 6.62 -13.89 8.29
C ALA A 79 6.33 -13.68 9.77
N TYR A 80 6.72 -14.65 10.59
CA TYR A 80 6.50 -14.60 12.03
C TYR A 80 7.81 -14.75 12.76
N MET A 81 7.93 -14.08 13.91
CA MET A 81 9.04 -14.28 14.83
C MET A 81 8.49 -14.61 16.22
N GLU A 82 8.92 -15.74 16.75
CA GLU A 82 8.53 -16.21 18.07
C GLU A 82 9.71 -16.09 19.02
N VAL A 83 9.45 -15.61 20.24
CA VAL A 83 10.50 -15.38 21.24
C VAL A 83 10.01 -15.92 22.57
N ARG A 84 10.63 -16.99 23.05
CA ARG A 84 10.24 -17.62 24.30
C ARG A 84 11.01 -17.03 25.48
N SER A 85 10.51 -17.32 26.68
CA SER A 85 11.19 -17.02 27.95
C SER A 85 11.58 -15.54 28.02
N LEU A 86 10.57 -14.68 27.90
CA LEU A 86 10.80 -13.25 27.82
C LEU A 86 11.31 -12.69 29.15
N ARG A 87 12.05 -11.57 29.05
CA ARG A 87 12.72 -10.98 30.19
C ARG A 87 12.57 -9.47 30.14
N SER A 88 12.81 -8.84 31.30
CA SER A 88 12.72 -7.38 31.40
C SER A 88 13.57 -6.69 30.33
N GLU A 89 14.67 -7.31 29.94
CA GLU A 89 15.57 -6.70 28.96
C GLU A 89 14.98 -6.68 27.56
N ASP A 90 13.99 -7.53 27.28
CA ASP A 90 13.45 -7.68 25.94
C ASP A 90 12.44 -6.60 25.56
N THR A 91 12.25 -5.58 26.39
CA THR A 91 11.35 -4.48 26.04
C THR A 91 11.98 -3.68 24.89
N ALA A 92 11.43 -3.81 23.69
CA ALA A 92 12.07 -3.20 22.53
C ALA A 92 11.09 -3.04 21.39
N MET A 93 11.47 -2.18 20.45
CA MET A 93 10.81 -2.12 19.15
C MET A 93 11.36 -3.24 18.28
N TYR A 94 10.48 -4.04 17.72
CA TYR A 94 10.89 -5.14 16.84
C TYR A 94 10.46 -4.82 15.41
N TYR A 95 11.42 -4.84 14.50
CA TYR A 95 11.21 -4.47 13.10
C TYR A 95 11.40 -5.70 12.21
N CYS A 96 10.53 -5.86 11.22
CA CYS A 96 10.81 -6.74 10.09
C CYS A 96 11.35 -5.89 8.95
N ALA A 97 12.22 -6.49 8.15
CA ALA A 97 12.88 -5.77 7.06
C ALA A 97 13.28 -6.76 5.98
N THR A 98 13.45 -6.25 4.76
CA THR A 98 13.77 -7.11 3.64
C THR A 98 14.68 -6.40 2.67
N ASP A 99 15.55 -7.17 2.02
CA ASP A 99 16.40 -6.65 0.95
C ASP A 99 15.59 -6.46 -0.32
N HIS A 100 16.13 -5.67 -1.25
CA HIS A 100 15.51 -5.55 -2.56
C HIS A 100 16.54 -5.13 -3.59
N ARG A 101 16.33 -5.57 -4.82
CA ARG A 101 17.18 -5.20 -5.94
C ARG A 101 16.71 -3.92 -6.60
N GLU A 102 17.67 -3.17 -7.16
CA GLU A 102 17.38 -1.95 -7.90
C GLU A 102 18.34 -1.87 -9.09
N ASP A 103 17.90 -1.23 -10.16
CA ASP A 103 18.83 -0.81 -11.21
C ASP A 103 19.54 0.45 -10.73
N GLY A 104 20.88 0.43 -10.79
CA GLY A 104 21.70 1.32 -10.02
C GLY A 104 21.60 2.77 -10.46
N PRO A 105 22.34 3.63 -9.76
CA PRO A 105 22.25 5.08 -10.04
C PRO A 105 22.82 5.50 -11.39
N THR A 106 23.57 4.64 -12.07
CA THR A 106 24.22 5.02 -13.32
C THR A 106 24.03 3.91 -14.34
N TYR A 107 24.29 4.26 -15.61
CA TYR A 107 24.21 3.26 -16.67
C TYR A 107 25.19 2.12 -16.43
N PHE A 108 26.37 2.44 -15.87
CA PHE A 108 27.44 1.46 -15.73
C PHE A 108 27.19 0.49 -14.57
N SER A 109 26.43 0.91 -13.55
CA SER A 109 26.36 0.15 -12.30
C SER A 109 25.67 -1.19 -12.50
N GLY A 110 24.49 -1.19 -13.13
CA GLY A 110 23.72 -2.41 -13.28
C GLY A 110 22.80 -2.67 -12.10
N VAL A 111 22.15 -3.82 -12.15
CA VAL A 111 21.16 -4.19 -11.13
C VAL A 111 21.89 -4.48 -9.82
N GLN A 112 21.58 -3.69 -8.79
CA GLN A 112 22.18 -3.87 -7.48
C GLN A 112 21.27 -4.65 -6.52
N TRP A 113 21.87 -5.16 -5.45
CA TRP A 113 21.16 -5.77 -4.33
C TRP A 113 21.35 -4.89 -3.11
N VAL A 114 20.24 -4.41 -2.53
CA VAL A 114 20.28 -3.42 -1.47
C VAL A 114 19.82 -4.08 -0.17
N PRO A 115 20.68 -4.18 0.84
CA PRO A 115 20.23 -4.77 2.11
C PRO A 115 19.32 -3.85 2.90
N PHE A 116 18.35 -4.46 3.58
CA PHE A 116 17.34 -3.77 4.38
C PHE A 116 16.78 -2.55 3.64
N ARG A 117 16.29 -2.79 2.43
CA ARG A 117 15.75 -1.69 1.64
C ARG A 117 14.41 -1.23 2.15
N PHE A 118 13.56 -2.15 2.58
CA PHE A 118 12.24 -1.84 3.12
C PHE A 118 12.17 -2.33 4.56
N TRP A 119 11.53 -1.54 5.42
CA TRP A 119 11.34 -1.88 6.83
C TRP A 119 9.86 -1.83 7.16
N GLY A 120 9.44 -2.70 8.07
CA GLY A 120 8.10 -2.59 8.63
C GLY A 120 8.01 -1.42 9.59
N GLN A 121 6.77 -1.11 9.99
CA GLN A 121 6.56 0.06 10.84
C GLN A 121 7.08 -0.16 12.25
N GLY A 122 7.37 -1.40 12.64
CA GLY A 122 7.83 -1.69 13.99
C GLY A 122 6.70 -1.97 14.95
N VAL A 123 6.98 -2.81 15.94
CA VAL A 123 6.02 -3.16 16.98
C VAL A 123 6.73 -3.06 18.32
N LEU A 124 6.15 -2.28 19.24
CA LEU A 124 6.70 -2.10 20.58
C LEU A 124 6.12 -3.18 21.48
N VAL A 125 6.97 -4.07 21.96
CA VAL A 125 6.57 -5.11 22.91
C VAL A 125 7.22 -4.78 24.26
N THR A 126 6.38 -4.57 25.26
CA THR A 126 6.84 -4.28 26.61
C THR A 126 6.74 -5.53 27.46
N VAL A 127 7.78 -5.81 28.24
CA VAL A 127 7.82 -6.94 29.16
C VAL A 127 7.80 -6.39 30.58
N SER A 128 6.79 -6.77 31.36
CA SER A 128 6.66 -6.19 32.69
C SER A 128 5.75 -7.08 33.54
N SER A 129 5.99 -7.05 34.84
CA SER A 129 5.09 -7.72 35.78
C SER A 129 3.69 -7.12 35.73
N ALA A 130 3.60 -5.82 35.45
CA ALA A 130 2.33 -5.12 35.58
C ALA A 130 1.38 -5.47 34.45
N SER A 131 0.09 -5.56 34.77
CA SER A 131 -0.93 -5.93 33.81
C SER A 131 -1.29 -4.75 32.90
N THR A 132 -1.90 -5.08 31.76
CA THR A 132 -2.37 -4.05 30.85
C THR A 132 -3.44 -3.20 31.53
N LYS A 133 -3.41 -1.89 31.25
CA LYS A 133 -4.39 -0.95 31.75
C LYS A 133 -4.75 0.02 30.63
N GLY A 134 -6.02 0.06 30.26
CA GLY A 134 -6.47 0.81 29.12
C GLY A 134 -6.67 2.28 29.42
N PRO A 135 -6.74 3.11 28.38
CA PRO A 135 -6.81 4.56 28.59
C PRO A 135 -8.22 5.05 28.93
N SER A 136 -8.27 6.01 29.86
CA SER A 136 -9.45 6.82 30.12
C SER A 136 -9.29 8.12 29.33
N VAL A 137 -10.24 8.39 28.43
CA VAL A 137 -10.14 9.52 27.49
C VAL A 137 -11.13 10.59 27.92
N PHE A 138 -10.64 11.84 27.97
CA PHE A 138 -11.45 12.98 28.40
C PHE A 138 -11.26 14.14 27.45
N PRO A 139 -12.32 14.92 27.19
CA PRO A 139 -12.20 16.07 26.28
C PRO A 139 -11.63 17.28 26.98
N LEU A 140 -10.75 17.98 26.26
CA LEU A 140 -10.21 19.28 26.69
C LEU A 140 -10.97 20.38 25.94
N ALA A 141 -12.12 20.76 26.51
CA ALA A 141 -13.05 21.60 25.78
C ALA A 141 -12.47 23.00 25.65
N PRO A 142 -12.77 23.72 24.55
CA PRO A 142 -12.26 25.10 24.40
C PRO A 142 -13.09 26.09 25.20
N SER A 143 -12.43 27.00 25.91
CA SER A 143 -13.09 28.05 26.69
C SER A 143 -13.38 29.25 25.81
N GLY A 150 -7.43 34.83 17.29
CA GLY A 150 -8.82 34.41 17.34
C GLY A 150 -9.00 32.91 17.33
N THR A 151 -7.91 32.19 17.55
CA THR A 151 -7.93 30.74 17.52
C THR A 151 -8.27 30.17 18.90
N ALA A 152 -8.96 29.03 18.89
CA ALA A 152 -9.24 28.25 20.08
C ALA A 152 -8.50 26.92 20.01
N ALA A 153 -8.08 26.42 21.16
CA ALA A 153 -7.40 25.13 21.26
C ALA A 153 -8.33 24.15 21.96
N LEU A 154 -8.45 22.95 21.40
CA LEU A 154 -9.29 21.88 21.94
C LEU A 154 -8.54 20.57 21.80
N GLY A 155 -8.79 19.63 22.70
CA GLY A 155 -7.99 18.44 22.69
C GLY A 155 -8.63 17.26 23.40
N CYS A 156 -7.82 16.21 23.57
CA CYS A 156 -8.20 14.99 24.27
C CYS A 156 -7.10 14.59 25.22
N LEU A 157 -7.46 14.30 26.46
CA LEU A 157 -6.53 13.79 27.47
C LEU A 157 -6.68 12.27 27.52
N VAL A 158 -5.61 11.55 27.25
CA VAL A 158 -5.60 10.09 27.22
C VAL A 158 -4.87 9.65 28.48
N LYS A 159 -5.61 9.24 29.51
CA LYS A 159 -5.07 9.20 30.87
C LYS A 159 -4.92 7.77 31.38
N ASP A 160 -3.85 7.56 32.15
CA ASP A 160 -3.63 6.36 32.96
C ASP A 160 -3.79 5.09 32.13
N TYR A 161 -2.80 4.86 31.26
CA TYR A 161 -2.77 3.64 30.44
C TYR A 161 -1.40 2.99 30.55
N PHE A 162 -1.36 1.68 30.26
CA PHE A 162 -0.12 0.92 30.34
C PHE A 162 -0.24 -0.31 29.47
N PRO A 163 0.78 -0.65 28.65
CA PRO A 163 1.99 0.14 28.42
C PRO A 163 1.85 1.10 27.24
N GLU A 164 2.96 1.66 26.78
CA GLU A 164 2.97 2.37 25.51
C GLU A 164 2.76 1.38 24.37
N PRO A 165 2.39 1.86 23.17
CA PRO A 165 2.10 3.26 22.83
C PRO A 165 0.61 3.57 22.62
N VAL A 166 0.30 4.84 22.42
CA VAL A 166 -1.04 5.28 22.11
C VAL A 166 -1.00 6.11 20.83
N THR A 167 -1.99 5.90 19.96
CA THR A 167 -2.16 6.68 18.74
C THR A 167 -3.38 7.57 18.89
N VAL A 168 -3.27 8.82 18.44
CA VAL A 168 -4.40 9.73 18.38
C VAL A 168 -4.44 10.38 17.00
N SER A 169 -5.59 10.27 16.35
CA SER A 169 -5.91 11.00 15.15
C SER A 169 -7.12 11.88 15.42
N TRP A 170 -7.43 12.76 14.49
CA TRP A 170 -8.61 13.62 14.58
C TRP A 170 -9.47 13.43 13.34
N ASN A 171 -10.78 13.32 13.55
CA ASN A 171 -11.75 13.18 12.46
C ASN A 171 -11.36 12.04 11.53
N SER A 172 -10.86 10.95 12.13
CA SER A 172 -10.46 9.75 11.39
C SER A 172 -9.32 10.04 10.41
N GLY A 173 -8.45 10.98 10.77
CA GLY A 173 -7.31 11.33 9.94
C GLY A 173 -7.56 12.46 8.97
N ALA A 174 -8.80 12.89 8.80
CA ALA A 174 -9.10 13.96 7.86
C ALA A 174 -8.59 15.31 8.33
N LEU A 175 -8.34 15.49 9.62
CA LEU A 175 -7.87 16.74 10.18
C LEU A 175 -6.43 16.56 10.63
N THR A 176 -5.52 17.30 10.00
CA THR A 176 -4.11 17.25 10.35
C THR A 176 -3.48 18.63 10.53
N SER A 177 -4.10 19.70 10.03
CA SER A 177 -3.58 21.04 10.20
C SER A 177 -3.83 21.50 11.63
N GLY A 178 -2.78 21.99 12.28
CA GLY A 178 -2.86 22.45 13.65
C GLY A 178 -2.89 21.37 14.70
N VAL A 179 -2.84 20.11 14.30
CA VAL A 179 -2.86 19.00 15.24
C VAL A 179 -1.48 18.83 15.85
N HIS A 180 -1.43 18.64 17.18
CA HIS A 180 -0.20 18.24 17.83
C HIS A 180 -0.49 17.25 18.94
N THR A 181 -0.06 16.01 18.75
CA THR A 181 -0.05 15.00 19.80
C THR A 181 1.29 15.07 20.53
N PHE A 182 1.23 15.10 21.87
CA PHE A 182 2.42 15.29 22.70
C PHE A 182 2.97 13.96 23.17
N PRO A 183 4.25 13.93 23.56
CA PRO A 183 4.80 12.73 24.19
C PRO A 183 4.13 12.49 25.55
N ALA A 184 3.99 11.22 25.91
CA ALA A 184 3.35 10.86 27.17
C ALA A 184 4.25 11.19 28.35
N VAL A 185 3.63 11.57 29.45
CA VAL A 185 4.34 11.63 30.73
C VAL A 185 4.32 10.23 31.33
N LEU A 186 5.49 9.71 31.65
CA LEU A 186 5.59 8.52 32.48
C LEU A 186 5.47 8.99 33.92
N GLN A 187 4.33 8.77 34.53
CA GLN A 187 4.05 9.33 35.85
C GLN A 187 4.42 8.35 36.96
N SER A 188 4.54 8.91 38.17
CA SER A 188 5.18 8.20 39.28
C SER A 188 4.66 6.78 39.45
N SER A 189 3.34 6.59 39.31
CA SER A 189 2.74 5.31 39.59
C SER A 189 3.12 4.23 38.57
N GLY A 190 3.76 4.60 37.46
CA GLY A 190 4.12 3.66 36.43
C GLY A 190 3.22 3.70 35.21
N LEU A 191 2.09 4.39 35.29
CA LEU A 191 1.19 4.51 34.16
C LEU A 191 1.60 5.70 33.28
N TYR A 192 1.00 5.76 32.09
CA TYR A 192 1.27 6.83 31.13
C TYR A 192 0.03 7.68 30.93
N SER A 193 0.25 8.97 30.69
CA SER A 193 -0.80 9.91 30.31
C SER A 193 -0.31 10.75 29.14
N LEU A 194 -1.20 11.03 28.20
CA LEU A 194 -0.85 11.63 26.92
C LEU A 194 -1.92 12.62 26.50
N SER A 195 -1.51 13.65 25.76
CA SER A 195 -2.42 14.68 25.29
C SER A 195 -2.26 14.87 23.79
N SER A 196 -3.39 15.11 23.12
CA SER A 196 -3.41 15.62 21.76
C SER A 196 -4.28 16.85 21.74
N VAL A 197 -3.78 17.92 21.12
CA VAL A 197 -4.52 19.17 21.00
C VAL A 197 -4.48 19.59 19.54
N VAL A 198 -5.52 20.28 19.11
CA VAL A 198 -5.60 20.84 17.77
C VAL A 198 -6.04 22.29 17.88
N THR A 199 -5.29 23.19 17.27
CA THR A 199 -5.63 24.61 17.30
C THR A 199 -6.53 24.92 16.12
N VAL A 200 -7.54 25.76 16.38
CA VAL A 200 -8.74 25.80 15.54
C VAL A 200 -9.28 27.22 15.50
N PRO A 201 -9.92 27.65 14.42
CA PRO A 201 -10.62 28.95 14.45
C PRO A 201 -11.83 28.89 15.37
N SER A 202 -11.88 29.81 16.34
CA SER A 202 -13.00 29.82 17.29
C SER A 202 -14.32 30.00 16.57
N SER A 203 -14.28 30.57 15.37
CA SER A 203 -15.50 30.76 14.62
C SER A 203 -16.15 29.44 14.24
N SER A 204 -15.41 28.34 14.28
CA SER A 204 -15.88 27.06 13.78
C SER A 204 -16.50 26.17 14.86
N LEU A 205 -16.53 26.62 16.11
CA LEU A 205 -16.85 25.70 17.20
C LEU A 205 -18.30 25.27 17.19
N GLY A 206 -19.21 26.09 16.68
CA GLY A 206 -20.57 25.67 16.51
C GLY A 206 -20.85 25.03 15.17
N THR A 207 -19.84 24.89 14.33
CA THR A 207 -20.04 24.62 12.92
C THR A 207 -19.12 23.54 12.37
N GLN A 208 -18.26 22.95 13.20
CA GLN A 208 -17.43 21.82 12.81
C GLN A 208 -17.38 20.88 14.00
N THR A 209 -17.60 19.60 13.76
CA THR A 209 -17.45 18.59 14.79
C THR A 209 -15.99 18.13 14.83
N TYR A 210 -15.40 18.15 16.01
CA TYR A 210 -14.03 17.69 16.20
C TYR A 210 -14.05 16.41 17.03
N ILE A 211 -13.47 15.34 16.49
CA ILE A 211 -13.52 14.03 17.10
C ILE A 211 -12.10 13.51 17.17
N CYS A 212 -11.64 13.16 18.38
CA CYS A 212 -10.35 12.53 18.53
C CYS A 212 -10.52 11.02 18.57
N ASN A 213 -9.66 10.31 17.86
CA ASN A 213 -9.72 8.86 17.75
C ASN A 213 -8.48 8.28 18.42
N VAL A 214 -8.69 7.56 19.53
CA VAL A 214 -7.61 7.07 20.38
C VAL A 214 -7.52 5.56 20.20
N ASN A 215 -6.29 5.06 20.12
CA ASN A 215 -6.05 3.64 19.85
C ASN A 215 -4.91 3.15 20.74
N HIS A 216 -5.19 2.17 21.59
CA HIS A 216 -4.21 1.58 22.50
C HIS A 216 -4.14 0.08 22.20
N LYS A 217 -3.27 -0.29 21.27
CA LYS A 217 -3.21 -1.69 20.84
C LYS A 217 -2.91 -2.68 21.97
N PRO A 218 -2.11 -2.35 22.98
CA PRO A 218 -1.85 -3.35 24.04
C PRO A 218 -3.11 -3.82 24.76
N SER A 219 -4.09 -2.94 24.99
CA SER A 219 -5.35 -3.33 25.60
C SER A 219 -6.46 -3.49 24.57
N ASN A 220 -6.13 -3.50 23.29
CA ASN A 220 -7.12 -3.60 22.20
C ASN A 220 -8.19 -2.52 22.30
N THR A 221 -7.86 -1.37 22.88
CA THR A 221 -8.85 -0.33 23.15
C THR A 221 -8.88 0.69 22.00
N LYS A 222 -10.09 1.04 21.56
CA LYS A 222 -10.31 2.10 20.59
C LYS A 222 -11.37 3.03 21.13
N VAL A 223 -11.15 4.34 21.01
CA VAL A 223 -12.08 5.33 21.56
C VAL A 223 -12.30 6.44 20.54
N ASP A 224 -13.57 6.78 20.31
CA ASP A 224 -13.97 8.01 19.65
C ASP A 224 -14.53 8.95 20.71
N LYS A 225 -13.97 10.16 20.79
CA LYS A 225 -14.50 11.17 21.71
C LYS A 225 -14.76 12.46 20.93
N ARG A 226 -16.01 12.88 20.89
CA ARG A 226 -16.36 14.18 20.38
C ARG A 226 -15.97 15.23 21.39
N VAL A 227 -15.40 16.33 20.90
CA VAL A 227 -14.92 17.43 21.76
C VAL A 227 -15.73 18.67 21.45
N GLU A 228 -16.51 19.13 22.44
CA GLU A 228 -17.42 20.24 22.30
C GLU A 228 -17.12 21.32 23.34
N PRO A 229 -17.48 22.58 23.06
CA PRO A 229 -17.43 23.61 24.11
C PRO A 229 -18.57 23.45 25.11
N LYS A 230 -18.31 23.90 26.33
CA LYS A 230 -19.27 23.71 27.40
C LYS A 230 -20.35 24.81 27.41
N SER A 231 -21.31 24.66 28.32
CA SER A 231 -22.42 25.62 28.43
C SER A 231 -21.97 26.89 29.14
N CYS A 232 -22.26 28.04 28.53
CA CYS A 232 -21.88 29.33 29.10
C CYS A 232 -22.98 30.37 28.89
N VAL B 2 32.51 -6.85 16.41
CA VAL B 2 31.82 -5.62 16.80
C VAL B 2 32.09 -4.50 15.79
N PHE B 3 31.08 -3.68 15.54
CA PHE B 3 31.23 -2.40 14.83
C PHE B 3 30.96 -1.30 15.84
N THR B 4 31.94 -0.40 16.00
CA THR B 4 31.82 0.70 16.96
C THR B 4 31.61 2.02 16.22
N GLN B 5 30.59 2.77 16.65
CA GLN B 5 30.28 4.09 16.15
C GLN B 5 30.34 5.10 17.27
N PRO B 6 30.66 6.37 16.98
CA PRO B 6 30.54 7.42 18.01
C PRO B 6 29.08 7.67 18.35
N HIS B 7 28.71 7.47 19.62
CA HIS B 7 27.31 7.54 20.00
C HIS B 7 26.70 8.90 19.73
N SER B 8 27.52 9.95 19.64
CA SER B 8 27.01 11.27 19.29
C SER B 8 27.96 11.95 18.31
N VAL B 9 27.37 12.69 17.37
CA VAL B 9 28.09 13.55 16.43
C VAL B 9 27.24 14.80 16.25
N SER B 10 27.87 15.90 15.84
CA SER B 10 27.16 17.17 15.75
C SER B 10 27.59 17.95 14.51
N GLY B 11 26.77 18.93 14.13
CA GLY B 11 27.06 19.78 13.00
C GLY B 11 26.08 20.93 12.84
N SER B 12 26.55 22.06 12.33
CA SER B 12 25.73 23.26 12.15
C SER B 12 25.00 23.21 10.82
N PRO B 13 24.02 24.10 10.63
CA PRO B 13 23.39 24.21 9.31
C PRO B 13 24.41 24.46 8.21
N GLY B 14 24.15 23.88 7.04
CA GLY B 14 24.96 24.13 5.85
C GLY B 14 26.26 23.36 5.79
N GLN B 15 26.82 23.03 6.94
CA GLN B 15 28.13 22.38 6.99
C GLN B 15 28.01 20.91 6.55
N THR B 16 29.16 20.25 6.49
CA THR B 16 29.28 18.84 6.18
C THR B 16 29.80 18.09 7.40
N VAL B 17 29.25 16.91 7.67
CA VAL B 17 29.58 16.14 8.86
C VAL B 17 29.86 14.69 8.48
N THR B 18 30.88 14.11 9.10
CA THR B 18 31.30 12.74 8.83
C THR B 18 31.10 11.88 10.09
N ILE B 19 30.53 10.70 9.89
CA ILE B 19 30.25 9.76 10.98
C ILE B 19 31.09 8.52 10.75
N SER B 20 31.78 8.07 11.78
CA SER B 20 32.71 6.96 11.67
C SER B 20 32.00 5.62 11.87
N CYS B 21 32.64 4.56 11.35
CA CYS B 21 32.20 3.18 11.58
C CYS B 21 33.44 2.30 11.51
N THR B 22 33.92 1.85 12.67
CA THR B 22 35.20 1.16 12.78
C THR B 22 35.00 -0.29 13.17
N ARG B 23 35.65 -1.19 12.42
CA ARG B 23 35.52 -2.63 12.62
C ARG B 23 36.60 -3.13 13.59
N SER B 24 36.19 -3.91 14.58
CA SER B 24 37.14 -4.47 15.54
C SER B 24 37.72 -5.80 15.08
N SER B 25 37.00 -6.55 14.24
CA SER B 25 37.32 -7.94 13.97
C SER B 25 38.10 -8.17 12.68
N GLY B 26 38.07 -7.24 11.74
CA GLY B 26 38.76 -7.47 10.49
C GLY B 26 38.78 -6.23 9.63
N SER B 27 39.05 -6.44 8.34
CA SER B 27 39.23 -5.34 7.42
C SER B 27 37.88 -4.86 6.90
N ILE B 28 37.70 -3.54 6.86
CA ILE B 28 36.53 -2.98 6.21
C ILE B 28 36.51 -3.25 4.71
N ASP B 29 37.63 -3.68 4.15
CA ASP B 29 37.71 -4.06 2.75
C ASP B 29 37.25 -5.50 2.50
N SER B 30 36.77 -6.20 3.54
CA SER B 30 36.35 -7.59 3.41
C SER B 30 34.84 -7.77 3.34
N GLU B 31 34.06 -6.73 3.64
CA GLU B 31 32.62 -6.74 3.47
C GLU B 31 32.15 -5.34 3.09
N TYR B 32 31.02 -5.27 2.39
CA TYR B 32 30.43 -3.98 2.06
C TYR B 32 29.79 -3.37 3.28
N VAL B 33 29.81 -2.04 3.35
CA VAL B 33 29.22 -1.29 4.45
C VAL B 33 28.02 -0.50 3.95
N GLN B 34 26.87 -0.71 4.58
CA GLN B 34 25.63 0.02 4.32
C GLN B 34 25.43 1.07 5.40
N TRP B 35 24.53 2.03 5.15
CA TRP B 35 24.21 3.05 6.14
C TRP B 35 22.72 3.36 6.12
N TYR B 36 22.20 3.74 7.29
CA TYR B 36 20.78 3.97 7.46
C TYR B 36 20.52 5.22 8.30
N GLN B 37 19.38 5.84 8.04
CA GLN B 37 18.89 7.01 8.76
C GLN B 37 17.55 6.68 9.41
N GLN B 38 17.37 7.11 10.66
CA GLN B 38 16.13 6.87 11.40
C GLN B 38 15.71 8.17 12.09
N ARG B 39 14.70 8.83 11.53
CA ARG B 39 14.17 10.02 12.17
C ARG B 39 13.41 9.62 13.44
N PRO B 40 13.37 10.49 14.44
CA PRO B 40 12.74 10.12 15.72
C PRO B 40 11.30 9.66 15.54
N GLY B 41 11.01 8.49 16.11
CA GLY B 41 9.66 7.93 16.05
C GLY B 41 9.30 7.26 14.75
N SER B 42 10.30 6.72 14.05
CA SER B 42 10.05 6.18 12.72
C SER B 42 11.00 5.02 12.46
N ALA B 43 10.68 4.25 11.43
CA ALA B 43 11.50 3.12 11.02
C ALA B 43 12.72 3.61 10.25
N PRO B 44 13.78 2.80 10.21
CA PRO B 44 14.98 3.21 9.46
C PRO B 44 14.74 3.27 7.96
N THR B 45 15.64 3.99 7.28
CA THR B 45 15.64 4.11 5.83
C THR B 45 17.06 3.91 5.33
N THR B 46 17.20 3.26 4.17
CA THR B 46 18.51 3.08 3.58
C THR B 46 19.01 4.42 3.02
N LEU B 47 20.28 4.70 3.27
CA LEU B 47 20.94 5.84 2.63
C LEU B 47 22.11 5.44 1.74
N ILE B 48 22.85 4.40 2.11
CA ILE B 48 24.01 3.95 1.34
C ILE B 48 24.08 2.43 1.38
N TYR B 49 24.60 1.86 0.29
CA TYR B 49 24.92 0.43 0.24
C TYR B 49 26.14 0.25 -0.65
N LYS B 50 26.76 -0.92 -0.54
CA LYS B 50 28.01 -1.21 -1.24
C LYS B 50 29.00 -0.05 -1.10
N ASP B 51 29.21 0.36 0.15
CA ASP B 51 30.16 1.39 0.56
C ASP B 51 29.75 2.79 0.13
N ASN B 52 29.35 2.99 -1.14
CA ASN B 52 29.16 4.37 -1.59
C ASN B 52 28.04 4.57 -2.60
N GLN B 53 27.06 3.67 -2.68
CA GLN B 53 25.99 3.78 -3.65
C GLN B 53 24.72 4.25 -2.96
N ARG B 54 24.08 5.28 -3.52
CA ARG B 54 22.82 5.83 -3.01
C ARG B 54 21.63 5.06 -3.59
N PRO B 55 20.67 4.63 -2.77
CA PRO B 55 19.47 3.99 -3.31
C PRO B 55 18.61 4.98 -4.09
N SER B 56 17.62 4.43 -4.79
CA SER B 56 16.61 5.24 -5.46
C SER B 56 16.02 6.25 -4.49
N GLY B 57 16.07 7.54 -4.88
CA GLY B 57 15.43 8.60 -4.12
C GLY B 57 16.31 9.30 -3.09
N VAL B 58 17.54 8.84 -2.88
CA VAL B 58 18.41 9.41 -1.85
C VAL B 58 19.22 10.57 -2.42
N PRO B 59 19.25 11.72 -1.77
CA PRO B 59 19.94 12.88 -2.36
C PRO B 59 21.46 12.72 -2.43
N ASP B 60 22.05 13.44 -3.39
CA ASP B 60 23.50 13.50 -3.54
C ASP B 60 24.22 14.07 -2.33
N ARG B 61 23.49 14.65 -1.37
CA ARG B 61 24.12 15.22 -0.19
C ARG B 61 24.73 14.15 0.71
N PHE B 62 24.28 12.90 0.57
CA PHE B 62 24.78 11.80 1.39
C PHE B 62 25.79 10.99 0.57
N SER B 63 26.94 10.69 1.19
CA SER B 63 28.01 9.98 0.51
C SER B 63 28.71 9.02 1.46
N GLY B 64 29.02 7.83 0.97
CA GLY B 64 29.71 6.83 1.75
C GLY B 64 31.18 6.72 1.35
N SER B 65 32.00 6.24 2.28
CA SER B 65 33.44 6.26 2.08
C SER B 65 34.08 5.09 2.81
N ILE B 66 35.24 4.69 2.30
CA ILE B 66 36.05 3.63 2.89
C ILE B 66 37.48 4.16 3.02
N ASP B 67 38.02 4.11 4.23
CA ASP B 67 39.40 4.50 4.50
C ASP B 67 40.13 3.27 5.06
N SER B 68 40.73 2.49 4.16
CA SER B 68 41.39 1.26 4.57
C SER B 68 42.56 1.51 5.52
N SER B 69 43.17 2.69 5.47
CA SER B 69 44.26 3.01 6.40
C SER B 69 43.74 3.17 7.82
N SER B 70 42.56 3.77 7.97
CA SER B 70 41.94 3.90 9.29
C SER B 70 41.24 2.62 9.73
N ASN B 71 41.04 1.67 8.81
CA ASN B 71 40.07 0.58 8.99
C ASN B 71 38.73 1.12 9.50
N SER B 72 38.31 2.26 8.94
CA SER B 72 37.04 2.88 9.28
C SER B 72 36.29 3.24 8.01
N ALA B 73 35.04 2.77 7.91
CA ALA B 73 34.10 3.32 6.97
C ALA B 73 33.56 4.65 7.50
N SER B 74 32.98 5.46 6.62
CA SER B 74 32.43 6.73 7.05
C SER B 74 31.31 7.19 6.14
N LEU B 75 30.32 7.82 6.76
CA LEU B 75 29.19 8.44 6.07
C LEU B 75 29.33 9.95 6.22
N ALA B 76 29.37 10.66 5.10
CA ALA B 76 29.54 12.11 5.08
C ALA B 76 28.29 12.76 4.50
N ILE B 77 27.68 13.64 5.27
CA ILE B 77 26.41 14.29 4.89
C ILE B 77 26.66 15.79 4.77
N SER B 78 26.47 16.32 3.57
CA SER B 78 26.65 17.74 3.29
C SER B 78 25.31 18.47 3.32
N GLY B 79 25.38 19.79 3.46
CA GLY B 79 24.20 20.64 3.44
C GLY B 79 23.28 20.45 4.64
N LEU B 80 23.86 20.31 5.82
CA LEU B 80 23.10 19.86 7.00
C LEU B 80 21.83 20.70 7.18
N LYS B 81 20.80 20.06 7.73
CA LYS B 81 19.48 20.66 7.85
C LYS B 81 18.92 20.50 9.27
N GLU B 83 16.14 18.84 8.53
CA GLU B 83 15.42 17.58 8.39
C GLU B 83 16.40 16.38 8.40
N ASP B 84 17.70 16.66 8.49
CA ASP B 84 18.72 15.62 8.51
C ASP B 84 19.00 15.13 9.93
N GLU B 85 18.32 15.68 10.93
CA GLU B 85 18.54 15.36 12.34
C GLU B 85 17.94 13.99 12.66
N ALA B 86 18.81 13.02 13.00
CA ALA B 86 18.33 11.65 13.14
C ALA B 86 19.44 10.78 13.70
N ASP B 87 19.09 9.52 14.00
CA ASP B 87 20.07 8.47 14.23
C ASP B 87 20.66 8.03 12.89
N TYR B 88 21.91 7.57 12.93
CA TYR B 88 22.58 7.03 11.75
C TYR B 88 23.34 5.78 12.12
N TYR B 89 23.16 4.73 11.33
CA TYR B 89 23.74 3.42 11.62
C TYR B 89 24.50 2.89 10.42
N CYS B 90 25.64 2.25 10.67
CA CYS B 90 26.32 1.46 9.67
C CYS B 90 25.96 -0.01 9.83
N GLN B 91 26.16 -0.78 8.77
CA GLN B 91 25.88 -2.21 8.78
C GLN B 91 26.87 -2.92 7.87
N SER B 92 27.21 -4.15 8.22
CA SER B 92 28.04 -4.99 7.36
C SER B 92 27.75 -6.44 7.70
N PRO B 93 27.95 -7.37 6.75
CA PRO B 93 27.71 -8.78 7.05
C PRO B 93 28.84 -9.42 7.85
N ASP B 94 28.58 -10.67 8.24
CA ASP B 94 29.57 -11.56 8.86
C ASP B 94 29.28 -12.94 8.27
N GLY B 95 29.95 -13.26 7.16
CA GLY B 95 29.79 -14.57 6.57
C GLY B 95 28.50 -14.72 5.78
N ARG B 96 28.28 -15.96 5.35
CA ARG B 96 27.17 -16.26 4.45
C ARG B 96 25.83 -15.80 5.02
N TYR B 97 25.70 -15.70 6.34
CA TYR B 97 24.38 -15.67 6.97
C TYR B 97 24.14 -14.58 8.02
N ASN B 98 25.17 -14.03 8.65
CA ASN B 98 24.96 -13.14 9.77
C ASN B 98 25.17 -11.69 9.37
N ARG B 99 24.64 -10.78 10.17
CA ARG B 99 24.70 -9.35 9.91
C ARG B 99 24.93 -8.57 11.20
N VAL B 100 25.65 -7.45 11.09
CA VAL B 100 26.10 -6.68 12.24
C VAL B 100 25.78 -5.21 11.98
N PHE B 101 24.99 -4.62 12.87
CA PHE B 101 24.80 -3.17 12.88
C PHE B 101 25.85 -2.52 13.79
N GLY B 102 26.05 -1.23 13.57
CA GLY B 102 26.97 -0.46 14.39
C GLY B 102 26.43 -0.26 15.80
N GLY B 104 25.27 2.75 17.05
CA GLY B 104 24.61 3.82 16.33
C GLY B 104 25.03 5.20 16.75
N THR B 105 24.87 6.17 15.85
CA THR B 105 25.26 7.55 16.09
C THR B 105 24.02 8.45 16.06
N ARG B 106 23.85 9.25 17.10
CA ARG B 106 22.81 10.27 17.14
C ARG B 106 23.38 11.56 16.55
N LEU B 107 22.93 11.91 15.35
CA LEU B 107 23.42 13.12 14.67
C LEU B 107 22.65 14.33 15.17
N THR B 108 23.36 15.26 15.78
CA THR B 108 22.76 16.42 16.43
C THR B 108 23.06 17.67 15.61
N VAL B 109 22.01 18.38 15.21
CA VAL B 109 22.14 19.60 14.41
C VAL B 109 21.97 20.79 15.34
N LEU B 110 23.00 21.64 15.40
CA LEU B 110 23.07 22.69 16.40
C LEU B 110 23.25 24.06 15.73
N GLY B 111 22.82 25.10 16.44
CA GLY B 111 22.82 26.44 15.92
C GLY B 111 21.60 26.78 15.11
N GLN B 112 20.61 25.89 15.05
CA GLN B 112 19.36 26.21 14.39
C GLN B 112 18.72 27.42 15.07
N PRO B 113 17.84 28.12 14.36
CA PRO B 113 17.25 29.35 14.94
C PRO B 113 16.47 29.08 16.22
N LYS B 114 16.58 30.00 17.18
CA LYS B 114 15.82 29.91 18.41
C LYS B 114 14.32 30.15 18.14
N ALA B 115 13.49 29.69 19.08
CA ALA B 115 12.06 29.89 18.99
C ALA B 115 11.46 29.76 20.38
N ALA B 116 10.40 30.54 20.63
CA ALA B 116 9.73 30.61 21.92
C ALA B 116 8.54 29.66 21.98
N PRO B 117 8.09 29.31 23.17
CA PRO B 117 6.98 28.36 23.29
C PRO B 117 5.61 29.03 23.18
N SER B 118 4.67 28.28 22.62
CA SER B 118 3.24 28.58 22.73
C SER B 118 2.65 27.64 23.79
N VAL B 119 1.80 28.20 24.66
CA VAL B 119 1.38 27.50 25.87
C VAL B 119 -0.13 27.55 25.99
N THR B 120 -0.72 26.42 26.36
CA THR B 120 -2.16 26.30 26.58
C THR B 120 -2.38 25.52 27.87
N LEU B 121 -3.31 26.00 28.71
CA LEU B 121 -3.62 25.37 29.98
C LEU B 121 -5.12 25.03 30.01
N PHE B 122 -5.45 23.76 30.35
CA PHE B 122 -6.84 23.32 30.39
C PHE B 122 -7.30 23.04 31.82
N PRO B 123 -8.53 23.39 32.17
CA PRO B 123 -9.10 22.93 33.44
C PRO B 123 -9.48 21.47 33.36
N PRO B 124 -9.98 20.88 34.44
CA PRO B 124 -10.46 19.50 34.36
C PRO B 124 -11.78 19.42 33.61
N SER B 125 -11.97 18.33 32.88
CA SER B 125 -13.22 18.12 32.19
C SER B 125 -14.34 17.78 33.18
N SER B 126 -15.57 18.14 32.79
CA SER B 126 -16.72 17.73 33.59
C SER B 126 -16.81 16.21 33.69
N GLU B 127 -16.38 15.51 32.64
CA GLU B 127 -16.44 14.05 32.67
C GLU B 127 -15.48 13.49 33.70
N GLU B 128 -14.29 14.09 33.83
CA GLU B 128 -13.32 13.61 34.80
C GLU B 128 -13.74 13.94 36.23
N LEU B 129 -14.36 15.10 36.43
CA LEU B 129 -14.89 15.43 37.74
C LEU B 129 -15.98 14.45 38.15
N GLN B 130 -16.86 14.10 37.22
CA GLN B 130 -17.83 13.05 37.48
C GLN B 130 -17.17 11.69 37.75
N ALA B 131 -15.86 11.57 37.52
CA ALA B 131 -15.12 10.35 37.78
C ALA B 131 -14.29 10.45 39.06
N ASN B 132 -14.52 11.48 39.87
CA ASN B 132 -13.84 11.68 41.15
C ASN B 132 -12.36 12.03 40.96
N LYS B 133 -12.04 12.71 39.87
CA LYS B 133 -10.67 13.11 39.59
C LYS B 133 -10.66 14.50 38.98
N ALA B 134 -9.48 15.11 38.95
CA ALA B 134 -9.27 16.38 38.29
C ALA B 134 -7.82 16.45 37.84
N THR B 135 -7.61 16.81 36.58
CA THR B 135 -6.28 17.00 36.03
C THR B 135 -6.23 18.31 35.27
N LEU B 136 -5.23 19.13 35.55
CA LEU B 136 -4.93 20.33 34.77
C LEU B 136 -3.86 19.97 33.75
N VAL B 137 -4.09 20.32 32.49
CA VAL B 137 -3.19 19.98 31.39
C VAL B 137 -2.54 21.26 30.91
N CYS B 138 -1.23 21.38 31.14
CA CYS B 138 -0.43 22.50 30.65
C CYS B 138 0.42 22.00 29.48
N LEU B 139 0.18 22.59 28.30
CA LEU B 139 0.81 22.14 27.07
C LEU B 139 1.75 23.22 26.55
N ILE B 140 2.97 22.82 26.17
CA ILE B 140 4.04 23.73 25.78
C ILE B 140 4.63 23.22 24.48
N SER B 141 4.68 24.07 23.46
CA SER B 141 5.06 23.55 22.15
C SER B 141 5.79 24.57 21.29
N ASP B 142 6.58 24.03 20.35
CA ASP B 142 7.18 24.75 19.25
C ASP B 142 8.34 25.65 19.68
N PHE B 143 9.03 25.31 20.75
CA PHE B 143 10.17 26.10 21.20
C PHE B 143 11.50 25.49 20.76
N TYR B 144 12.55 26.32 20.76
CA TYR B 144 13.90 25.86 20.43
C TYR B 144 14.90 26.81 21.08
N PRO B 145 15.99 26.31 21.68
CA PRO B 145 16.35 24.88 21.80
C PRO B 145 15.47 24.10 22.79
N GLY B 146 15.68 22.78 22.86
CA GLY B 146 14.81 21.91 23.62
C GLY B 146 15.07 21.85 25.11
N ALA B 147 14.79 22.97 25.81
CA ALA B 147 14.94 23.03 27.26
C ALA B 147 14.01 24.11 27.79
N VAL B 148 13.30 23.78 28.87
CA VAL B 148 12.28 24.66 29.42
C VAL B 148 12.03 24.33 30.88
N THR B 149 11.34 25.20 31.60
CA THR B 149 11.09 25.01 33.02
C THR B 149 9.64 25.40 33.33
N VAL B 150 8.95 24.56 34.11
CA VAL B 150 7.52 24.70 34.34
C VAL B 150 7.23 24.63 35.83
N ALA B 151 6.25 25.43 36.28
CA ALA B 151 5.91 25.54 37.70
C ALA B 151 4.42 25.81 37.83
N TRP B 152 3.86 25.46 39.00
CA TRP B 152 2.43 25.48 39.23
C TRP B 152 2.11 26.23 40.52
N LYS B 153 0.95 26.91 40.53
CA LYS B 153 0.53 27.67 41.69
C LYS B 153 -0.96 27.50 41.95
N ALA B 154 -1.31 27.15 43.18
CA ALA B 154 -2.70 27.13 43.63
C ALA B 154 -3.04 28.49 44.24
N ASP B 155 -3.98 29.20 43.62
CA ASP B 155 -4.13 30.64 43.85
C ASP B 155 -2.73 31.24 43.62
N SER B 156 -2.23 32.09 44.52
CA SER B 156 -0.92 32.68 44.37
C SER B 156 0.21 31.81 44.90
N SER B 157 -0.10 30.68 45.57
CA SER B 157 0.89 29.93 46.33
C SER B 157 1.40 28.72 45.55
N PRO B 158 2.71 28.49 45.48
CA PRO B 158 3.23 27.40 44.66
C PRO B 158 2.85 26.03 45.22
N VAL B 159 2.68 25.05 44.32
CA VAL B 159 2.38 23.66 44.66
C VAL B 159 3.30 22.79 43.82
N LYS B 160 3.99 21.82 44.44
CA LYS B 160 4.95 20.89 43.81
C LYS B 160 4.48 19.44 43.87
N ALA B 161 3.77 19.01 44.91
CA ALA B 161 3.20 17.69 44.94
C ALA B 161 2.03 17.63 43.96
N GLY B 162 1.85 16.49 43.30
CA GLY B 162 0.80 16.33 42.32
C GLY B 162 1.16 16.78 40.92
N VAL B 163 2.43 17.13 40.67
CA VAL B 163 2.88 17.58 39.36
C VAL B 163 3.71 16.48 38.73
N GLU B 164 3.44 16.21 37.46
CA GLU B 164 4.26 15.31 36.64
C GLU B 164 4.52 16.02 35.32
N THR B 165 5.80 16.17 34.97
CA THR B 165 6.19 17.00 33.84
C THR B 165 7.12 16.22 32.92
N THR B 166 6.94 16.40 31.61
CA THR B 166 7.74 15.68 30.63
C THR B 166 9.03 16.43 30.27
N THR B 167 9.99 15.68 29.73
CA THR B 167 11.17 16.25 29.12
C THR B 167 10.87 16.69 27.70
N PRO B 168 11.46 17.79 27.21
CA PRO B 168 11.19 18.21 25.83
C PRO B 168 11.67 17.21 24.80
N SER B 169 10.97 17.19 23.66
CA SER B 169 11.33 16.32 22.53
C SER B 169 10.89 17.02 21.25
N LYS B 170 11.43 16.55 20.12
CA LYS B 170 11.22 17.20 18.83
C LYS B 170 9.93 16.70 18.18
N GLN B 171 9.09 17.64 17.78
CA GLN B 171 8.02 17.36 16.83
C GLN B 171 8.61 17.28 15.41
N SER B 172 7.78 16.83 14.47
CA SER B 172 8.26 16.73 13.10
C SER B 172 8.52 18.11 12.51
N ASN B 173 7.72 19.11 12.88
CA ASN B 173 8.16 20.49 12.74
C ASN B 173 9.25 20.74 13.78
N ASN B 174 10.41 21.23 13.34
CA ASN B 174 11.64 20.91 14.06
C ASN B 174 11.76 21.45 15.48
N LYS B 175 10.77 22.22 15.93
CA LYS B 175 10.83 22.73 17.29
C LYS B 175 10.40 21.65 18.30
N TYR B 176 10.63 21.94 19.57
CA TYR B 176 10.42 20.98 20.65
C TYR B 176 9.09 21.21 21.35
N ALA B 177 8.65 20.19 22.12
CA ALA B 177 7.35 20.24 22.77
C ALA B 177 7.40 19.48 24.09
N ALA B 178 6.50 19.85 25.01
CA ALA B 178 6.41 19.21 26.31
C ALA B 178 5.03 19.46 26.90
N SER B 179 4.66 18.61 27.86
CA SER B 179 3.40 18.74 28.57
C SER B 179 3.63 18.48 30.05
N SER B 180 2.82 19.16 30.88
CA SER B 180 2.87 19.03 32.34
C SER B 180 1.45 18.87 32.88
N TYR B 181 1.32 18.07 33.94
CA TYR B 181 0.01 17.75 34.49
C TYR B 181 0.00 17.94 36.00
N LEU B 182 -1.00 18.67 36.49
CA LEU B 182 -1.24 18.85 37.92
C LEU B 182 -2.47 18.01 38.27
N SER B 183 -2.24 16.90 38.97
CA SER B 183 -3.33 16.00 39.34
C SER B 183 -3.92 16.44 40.68
N LEU B 184 -5.24 16.49 40.75
CA LEU B 184 -5.93 17.04 41.92
C LEU B 184 -7.12 16.16 42.26
N THR B 185 -7.67 16.36 43.47
CA THR B 185 -9.01 15.88 43.78
C THR B 185 -10.01 16.95 43.40
N PRO B 186 -11.24 16.58 43.04
CA PRO B 186 -12.25 17.60 42.76
C PRO B 186 -12.42 18.60 43.89
N GLU B 187 -12.18 18.20 45.14
CA GLU B 187 -12.32 19.12 46.26
C GLU B 187 -11.14 20.08 46.34
N GLN B 188 -9.93 19.60 45.99
CA GLN B 188 -8.81 20.52 45.85
C GLN B 188 -9.09 21.55 44.76
N TRP B 189 -9.53 21.07 43.59
CA TRP B 189 -9.84 21.98 42.49
C TRP B 189 -10.93 22.97 42.88
N LYS B 190 -12.01 22.50 43.50
CA LYS B 190 -13.13 23.38 43.80
C LYS B 190 -12.80 24.39 44.89
N SER B 191 -11.93 24.03 45.83
CA SER B 191 -11.73 24.84 47.03
C SER B 191 -10.83 26.06 46.82
N HIS B 192 -10.16 26.17 45.68
CA HIS B 192 -9.36 27.34 45.38
C HIS B 192 -10.13 28.28 44.45
N ARG B 193 -9.59 29.49 44.28
CA ARG B 193 -10.18 30.48 43.40
C ARG B 193 -9.60 30.44 42.00
N SER B 194 -8.33 30.03 41.86
CA SER B 194 -7.69 29.90 40.56
C SER B 194 -6.47 29.01 40.70
N TYR B 195 -6.06 28.41 39.58
CA TYR B 195 -4.82 27.65 39.48
C TYR B 195 -4.02 28.20 38.31
N SER B 196 -2.69 28.08 38.38
CA SER B 196 -1.83 28.65 37.35
C SER B 196 -0.72 27.69 36.95
N CYS B 197 -0.39 27.72 35.66
CA CYS B 197 0.82 27.10 35.12
C CYS B 197 1.71 28.21 34.58
N GLN B 198 2.96 28.24 35.01
CA GLN B 198 3.92 29.25 34.59
C GLN B 198 5.12 28.58 33.93
N VAL B 199 5.45 29.02 32.72
CA VAL B 199 6.45 28.39 31.86
C VAL B 199 7.52 29.43 31.53
N THR B 200 8.78 29.02 31.55
CA THR B 200 9.89 29.90 31.22
C THR B 200 10.87 29.16 30.33
N HIS B 201 11.32 29.85 29.27
CA HIS B 201 12.17 29.24 28.24
C HIS B 201 13.50 29.95 28.10
N GLU B 202 13.49 31.23 27.75
CA GLU B 202 14.72 32.02 27.61
C GLU B 202 14.50 33.34 28.33
N GLY B 203 14.82 33.37 29.63
CA GLY B 203 14.80 34.60 30.38
C GLY B 203 13.47 35.32 30.37
N SER B 204 12.37 34.60 30.18
CA SER B 204 11.05 35.19 30.11
C SER B 204 10.05 34.13 30.51
N THR B 205 8.89 34.57 30.99
CA THR B 205 7.91 33.67 31.59
C THR B 205 6.50 34.05 31.16
N VAL B 206 5.72 33.06 30.73
CA VAL B 206 4.30 33.23 30.45
C VAL B 206 3.49 32.57 31.57
N GLU B 207 2.46 33.28 32.04
CA GLU B 207 1.55 32.76 33.05
C GLU B 207 0.20 32.50 32.40
N LYS B 208 -0.32 31.28 32.61
CA LYS B 208 -1.64 30.89 32.17
C LYS B 208 -2.41 30.38 33.38
N THR B 209 -3.69 30.74 33.48
CA THR B 209 -4.47 30.39 34.67
C THR B 209 -5.87 29.96 34.29
N VAL B 210 -6.49 29.23 35.22
CA VAL B 210 -7.82 28.66 35.06
C VAL B 210 -8.52 28.75 36.40
N ALA B 211 -9.84 28.60 36.39
CA ALA B 211 -10.64 28.74 37.60
C ALA B 211 -11.81 27.75 37.54
N PRO B 212 -12.36 27.38 38.71
CA PRO B 212 -13.55 26.51 38.73
C PRO B 212 -14.82 27.19 38.23
N THR B 213 -14.69 28.09 37.25
CA THR B 213 -15.82 28.91 36.81
C THR B 213 -15.82 29.08 35.30
N MET C 1 4.68 -25.73 2.14
CA MET C 1 5.20 -26.09 0.83
C MET C 1 6.57 -25.47 0.59
N THR C 2 7.34 -26.09 -0.31
CA THR C 2 8.58 -25.51 -0.82
C THR C 2 8.34 -25.03 -2.25
N THR C 3 8.81 -23.81 -2.55
CA THR C 3 8.68 -23.24 -3.88
C THR C 3 9.99 -23.41 -4.63
N PHE C 4 9.91 -23.97 -5.83
CA PHE C 4 11.06 -24.23 -6.69
C PHE C 4 11.04 -23.28 -7.89
N LYS C 5 12.22 -22.85 -8.32
CA LYS C 5 12.35 -22.01 -9.49
C LYS C 5 13.01 -22.77 -10.62
N LEU C 6 12.51 -22.59 -11.83
CA LEU C 6 13.17 -23.03 -13.05
C LEU C 6 13.74 -21.80 -13.75
N ALA C 7 15.01 -21.87 -14.13
CA ALA C 7 15.67 -20.79 -14.83
C ALA C 7 16.13 -21.29 -16.20
N ALA C 8 15.87 -20.50 -17.22
CA ALA C 8 16.40 -20.75 -18.57
C ALA C 8 17.58 -19.83 -18.86
N CYS C 9 18.56 -19.85 -17.97
CA CYS C 9 19.81 -19.10 -18.10
C CYS C 9 20.80 -19.74 -17.13
N VAL C 10 22.08 -19.40 -17.29
CA VAL C 10 23.08 -19.94 -16.37
C VAL C 10 23.07 -19.12 -15.08
N THR C 11 23.30 -19.82 -13.97
CA THR C 11 23.72 -19.17 -12.74
C THR C 11 25.23 -18.96 -12.77
N LEU C 12 25.70 -17.84 -12.25
CA LEU C 12 27.11 -17.52 -12.20
C LEU C 12 27.54 -17.28 -10.76
N GLU C 13 28.76 -17.71 -10.42
CA GLU C 13 29.41 -17.35 -9.16
C GLU C 13 30.57 -16.43 -9.49
N CYS C 14 30.53 -15.20 -8.96
CA CYS C 14 31.43 -14.14 -9.41
C CYS C 14 32.12 -13.46 -8.25
N ARG C 15 33.39 -13.10 -8.45
CA ARG C 15 34.15 -12.30 -7.50
C ARG C 15 34.90 -11.19 -8.24
N GLN C 16 35.33 -10.20 -7.48
CA GLN C 16 36.02 -9.05 -8.06
C GLN C 16 37.30 -9.50 -8.75
N VAL C 17 37.60 -8.85 -9.88
CA VAL C 17 38.78 -9.20 -10.68
C VAL C 17 40.04 -8.76 -9.94
N GLU C 36 33.27 -3.54 -11.23
CA GLU C 36 33.48 -3.16 -12.63
C GLU C 36 33.55 -4.39 -13.53
N ILE C 37 34.59 -5.19 -13.33
CA ILE C 37 34.79 -6.44 -14.04
C ILE C 37 34.83 -7.54 -13.00
N LYS C 38 34.06 -8.61 -13.23
CA LYS C 38 33.97 -9.70 -12.28
C LYS C 38 34.32 -11.04 -12.92
N ASN C 39 35.06 -11.83 -12.16
CA ASN C 39 35.54 -13.15 -12.58
C ASN C 39 34.49 -14.19 -12.21
N CYS C 40 33.80 -14.74 -13.20
CA CYS C 40 32.61 -15.54 -12.98
C CYS C 40 32.84 -16.96 -13.49
N SER C 41 32.20 -17.91 -12.84
CA SER C 41 32.24 -19.32 -13.24
C SER C 41 30.84 -19.88 -13.35
N PHE C 42 30.67 -20.82 -14.28
CA PHE C 42 29.43 -21.56 -14.43
C PHE C 42 29.77 -23.04 -14.61
N ASN C 43 28.77 -23.89 -14.37
CA ASN C 43 28.98 -25.33 -14.38
C ASN C 43 28.41 -25.94 -15.67
N GLN C 53 34.24 -29.12 -14.35
CA GLN C 53 32.88 -28.61 -14.22
C GLN C 53 32.88 -27.08 -14.30
N LYS C 54 33.69 -26.43 -13.47
CA LYS C 54 33.71 -24.98 -13.41
C LYS C 54 34.45 -24.41 -14.61
N VAL C 55 33.73 -23.62 -15.42
CA VAL C 55 34.33 -22.79 -16.46
C VAL C 55 34.35 -21.34 -15.98
N TYR C 56 35.51 -20.69 -16.11
CA TYR C 56 35.69 -19.31 -15.66
C TYR C 56 35.74 -18.35 -16.85
N ALA C 57 35.17 -17.17 -16.67
CA ALA C 57 35.26 -16.11 -17.67
C ALA C 57 35.01 -14.78 -16.97
N LEU C 58 35.39 -13.69 -17.64
CA LEU C 58 35.26 -12.35 -17.10
C LEU C 58 34.05 -11.63 -17.70
N PHE C 59 33.25 -11.01 -16.84
CA PHE C 59 32.03 -10.33 -17.25
C PHE C 59 32.04 -8.87 -16.81
N TYR C 60 31.39 -8.02 -17.61
CA TYR C 60 31.07 -6.68 -17.15
C TYR C 60 29.97 -6.74 -16.10
N ARG C 61 30.16 -6.02 -14.99
CA ARG C 61 29.18 -6.05 -13.91
C ARG C 61 27.80 -5.64 -14.41
N LEU C 62 27.73 -4.91 -15.51
CA LEU C 62 26.45 -4.47 -16.05
C LEU C 62 25.67 -5.61 -16.69
N ASP C 63 26.35 -6.67 -17.11
CA ASP C 63 25.67 -7.76 -17.80
C ASP C 63 25.00 -8.75 -16.86
N ILE C 64 25.19 -8.63 -15.55
CA ILE C 64 24.81 -9.69 -14.62
C ILE C 64 23.92 -9.11 -13.52
N VAL C 65 23.10 -9.99 -12.94
CA VAL C 65 22.07 -9.61 -11.99
C VAL C 65 22.29 -10.39 -10.72
N PRO C 66 22.34 -9.76 -9.54
CA PRO C 66 22.50 -10.51 -8.30
C PRO C 66 21.33 -11.44 -8.01
N LEU C 67 21.66 -12.70 -7.67
CA LEU C 67 20.70 -13.63 -7.12
C LEU C 67 20.71 -13.63 -5.61
N GLU C 68 21.71 -12.99 -5.00
CA GLU C 68 21.84 -12.88 -3.56
C GLU C 68 22.67 -11.63 -3.26
N GLU C 69 22.83 -11.34 -1.99
CA GLU C 69 23.63 -10.20 -1.58
C GLU C 69 25.04 -10.30 -2.14
N GLU C 70 25.57 -9.16 -2.62
CA GLU C 70 26.90 -9.14 -3.22
C GLU C 70 27.96 -9.10 -2.14
N ARG C 71 29.09 -9.76 -2.39
CA ARG C 71 30.14 -9.92 -1.39
C ARG C 71 31.45 -9.30 -1.86
N LYS C 72 32.02 -8.44 -1.02
CA LYS C 72 33.25 -7.74 -1.34
C LYS C 72 34.46 -8.65 -1.25
N GLY C 73 34.41 -9.62 -0.36
CA GLY C 73 35.47 -10.59 -0.26
C GLY C 73 35.30 -11.73 -1.25
N ASN C 74 34.46 -12.68 -0.88
CA ASN C 74 34.32 -13.93 -1.62
C ASN C 74 33.32 -13.77 -2.76
N SER C 75 32.95 -14.89 -3.37
CA SER C 75 32.07 -14.88 -4.52
C SER C 75 30.60 -14.81 -4.10
N SER C 76 29.77 -14.35 -5.04
CA SER C 76 28.32 -14.27 -4.88
C SER C 76 27.68 -14.84 -6.14
N LYS C 77 26.46 -15.35 -5.99
CA LYS C 77 25.76 -15.93 -7.12
C LYS C 77 25.05 -14.84 -7.92
N TYR C 78 25.18 -14.90 -9.25
CA TYR C 78 24.60 -13.93 -10.15
C TYR C 78 23.83 -14.63 -11.26
N ARG C 79 23.17 -13.81 -12.08
CA ARG C 79 22.35 -14.24 -13.21
C ARG C 79 22.74 -13.40 -14.41
N LEU C 80 22.54 -13.94 -15.61
CA LEU C 80 22.69 -13.11 -16.80
C LEU C 80 21.40 -12.31 -17.01
N ILE C 81 21.55 -11.15 -17.65
CA ILE C 81 20.42 -10.24 -17.79
C ILE C 81 19.26 -10.91 -18.52
N ASN C 82 19.56 -11.66 -19.57
CA ASN C 82 18.52 -12.32 -20.35
C ASN C 82 18.17 -13.65 -19.67
N CYS C 83 17.00 -13.71 -19.03
CA CYS C 83 16.60 -14.94 -18.36
C CYS C 83 15.09 -15.05 -18.27
N GLN C 84 14.59 -16.25 -18.56
CA GLN C 84 13.19 -16.62 -18.36
C GLN C 84 13.10 -17.56 -17.18
N THR C 85 12.13 -17.33 -16.29
CA THR C 85 11.99 -18.16 -15.09
C THR C 85 10.52 -18.47 -14.84
N THR C 86 10.28 -19.59 -14.16
CA THR C 86 8.95 -19.95 -13.69
C THR C 86 9.10 -20.69 -12.37
N THR C 87 7.97 -20.85 -11.66
CA THR C 87 8.00 -21.48 -10.34
C THR C 87 6.80 -22.41 -10.15
N THR C 88 6.91 -23.26 -9.13
CA THR C 88 5.84 -24.16 -8.72
C THR C 88 6.09 -24.62 -7.29
N GLU C 89 5.00 -24.95 -6.59
CA GLU C 89 5.06 -25.54 -5.25
C GLU C 89 4.95 -27.06 -5.36
N ALA C 90 5.75 -27.76 -4.54
CA ALA C 90 5.78 -29.21 -4.63
C ALA C 90 6.24 -29.81 -3.32
N VAL C 91 5.92 -31.10 -3.15
CA VAL C 91 6.30 -31.82 -1.94
C VAL C 91 7.82 -31.91 -1.83
N ASP C 92 8.50 -32.14 -2.95
CA ASP C 92 9.96 -32.03 -2.99
C ASP C 92 10.40 -31.93 -4.45
N ALA C 93 11.71 -31.76 -4.64
CA ALA C 93 12.24 -31.48 -5.98
C ALA C 93 11.81 -32.52 -7.00
N ALA C 94 11.62 -33.76 -6.58
CA ALA C 94 11.30 -34.82 -7.55
C ALA C 94 9.97 -34.52 -8.25
N THR C 95 9.00 -33.99 -7.52
CA THR C 95 7.74 -33.61 -8.15
C THR C 95 7.84 -32.30 -8.89
N ALA C 96 8.68 -31.38 -8.40
CA ALA C 96 8.92 -30.14 -9.13
C ALA C 96 9.46 -30.42 -10.52
N ALA C 97 10.32 -31.44 -10.65
CA ALA C 97 10.88 -31.76 -11.95
C ALA C 97 9.83 -32.26 -12.93
N LYS C 98 8.78 -32.92 -12.43
CA LYS C 98 7.68 -33.31 -13.30
C LYS C 98 7.11 -32.09 -14.02
N VAL C 99 6.80 -31.04 -13.25
CA VAL C 99 6.12 -29.88 -13.80
C VAL C 99 7.05 -29.07 -14.68
N PHE C 100 8.32 -28.96 -14.29
CA PHE C 100 9.27 -28.18 -15.08
C PHE C 100 9.62 -28.88 -16.38
N LYS C 101 9.66 -30.22 -16.39
CA LYS C 101 9.84 -30.93 -17.64
C LYS C 101 8.63 -30.72 -18.55
N GLN C 102 7.45 -30.63 -17.97
CA GLN C 102 6.25 -30.36 -18.75
C GLN C 102 6.28 -28.95 -19.31
N TYR C 103 6.59 -27.97 -18.45
CA TYR C 103 6.73 -26.59 -18.90
C TYR C 103 7.72 -26.48 -20.05
N ALA C 104 8.88 -27.15 -19.94
CA ALA C 104 9.91 -27.06 -20.97
C ALA C 104 9.50 -27.75 -22.27
N ASN C 105 8.56 -28.70 -22.22
CA ASN C 105 8.06 -29.30 -23.44
C ASN C 105 6.98 -28.42 -24.07
N ASP C 106 6.08 -27.87 -23.26
CA ASP C 106 5.00 -27.05 -23.79
C ASP C 106 5.52 -25.75 -24.39
N ASN C 107 6.61 -25.23 -23.85
CA ASN C 107 7.28 -24.04 -24.39
C ASN C 107 8.49 -24.46 -25.21
N GLY C 108 9.10 -23.48 -25.88
CA GLY C 108 10.19 -23.77 -26.78
C GLY C 108 11.55 -23.88 -26.09
N ILE C 109 11.60 -24.65 -25.01
CA ILE C 109 12.75 -24.68 -24.11
C ILE C 109 13.46 -26.03 -24.22
N ASP C 110 14.80 -25.99 -24.29
CA ASP C 110 15.64 -27.17 -24.35
C ASP C 110 16.87 -26.92 -23.50
N GLY C 111 17.60 -27.98 -23.18
CA GLY C 111 18.94 -27.82 -22.67
C GLY C 111 19.36 -28.91 -21.70
N GLU C 112 20.56 -28.69 -21.13
CA GLU C 112 21.09 -29.54 -20.06
C GLU C 112 20.56 -29.06 -18.72
N TRP C 113 20.20 -30.00 -17.86
CA TRP C 113 19.51 -29.69 -16.61
C TRP C 113 20.44 -29.75 -15.41
N THR C 114 20.02 -29.07 -14.34
CA THR C 114 20.78 -29.00 -13.11
C THR C 114 19.86 -28.56 -11.97
N TYR C 115 20.10 -29.10 -10.78
CA TYR C 115 19.33 -28.72 -9.60
C TYR C 115 20.26 -28.34 -8.46
N ASP C 116 19.89 -27.27 -7.75
CA ASP C 116 20.60 -26.80 -6.57
C ASP C 116 19.63 -26.78 -5.40
N ASP C 117 19.98 -27.48 -4.32
CA ASP C 117 19.07 -27.58 -3.18
C ASP C 117 19.16 -26.38 -2.26
N ALA C 118 20.31 -25.69 -2.23
CA ALA C 118 20.44 -24.53 -1.36
C ALA C 118 19.46 -23.43 -1.75
N THR C 119 19.27 -23.22 -3.05
CA THR C 119 18.34 -22.22 -3.56
C THR C 119 17.04 -22.82 -4.08
N LYS C 120 16.92 -24.15 -4.10
CA LYS C 120 15.78 -24.84 -4.69
C LYS C 120 15.53 -24.44 -6.14
N THR C 121 16.60 -24.20 -6.90
CA THR C 121 16.48 -23.69 -8.27
C THR C 121 16.95 -24.74 -9.26
N PHE C 122 16.04 -25.16 -10.15
CA PHE C 122 16.42 -25.89 -11.35
C PHE C 122 16.96 -24.93 -12.40
N THR C 123 17.87 -25.43 -13.22
CA THR C 123 18.42 -24.66 -14.33
C THR C 123 18.43 -25.53 -15.57
N VAL C 124 17.95 -24.98 -16.69
CA VAL C 124 18.02 -25.65 -17.98
C VAL C 124 18.71 -24.72 -18.97
N THR C 125 19.81 -25.18 -19.55
CA THR C 125 20.66 -24.37 -20.39
C THR C 125 21.16 -25.20 -21.56
N GLU C 126 21.27 -24.59 -22.72
CA GLU C 126 21.82 -25.29 -23.87
C GLU C 126 23.20 -24.77 -24.24
N GLY C 127 24.07 -24.62 -23.21
CA GLY C 127 25.41 -24.10 -23.42
C GLY C 127 26.43 -25.17 -23.77
N LEU C 128 27.64 -24.71 -24.07
CA LEU C 128 28.77 -25.56 -24.42
C LEU C 128 28.42 -26.43 -25.64
N GLU C 129 28.13 -25.74 -26.74
CA GLU C 129 27.79 -26.40 -28.00
C GLU C 129 28.50 -25.72 -29.17
N GLU D 1 -3.83 4.91 4.48
CA GLU D 1 -4.47 4.83 3.12
C GLU D 1 -5.15 3.48 2.92
N VAL D 2 -6.39 3.50 2.46
CA VAL D 2 -7.13 2.26 2.24
C VAL D 2 -6.61 1.58 0.98
N GLN D 3 -6.32 0.28 1.09
CA GLN D 3 -5.96 -0.53 -0.04
C GLN D 3 -6.72 -1.84 -0.01
N LEU D 4 -7.17 -2.30 -1.17
CA LEU D 4 -7.62 -3.66 -1.39
C LEU D 4 -6.71 -4.28 -2.44
N VAL D 5 -6.02 -5.37 -2.09
CA VAL D 5 -5.00 -5.96 -2.95
C VAL D 5 -5.38 -7.40 -3.26
N GLN D 6 -5.51 -7.72 -4.56
CA GLN D 6 -6.03 -8.99 -5.02
C GLN D 6 -4.94 -9.88 -5.59
N SER D 7 -5.27 -11.16 -5.71
CA SER D 7 -4.32 -12.17 -6.18
C SER D 7 -4.04 -12.01 -7.67
N GLY D 8 -3.09 -12.79 -8.15
CA GLY D 8 -2.69 -12.72 -9.54
C GLY D 8 -3.62 -13.51 -10.45
N ALA D 9 -3.43 -13.29 -11.76
CA ALA D 9 -4.31 -13.88 -12.75
C ALA D 9 -4.19 -15.39 -12.74
N GLU D 10 -5.32 -16.07 -12.91
CA GLU D 10 -5.39 -17.52 -12.89
C GLU D 10 -6.01 -18.03 -14.18
N VAL D 11 -5.77 -19.31 -14.46
CA VAL D 11 -6.39 -20.01 -15.58
C VAL D 11 -6.85 -21.37 -15.06
N LYS D 12 -8.03 -21.81 -15.51
CA LYS D 12 -8.67 -22.99 -14.97
C LYS D 12 -9.30 -23.80 -16.07
N LYS D 13 -9.36 -25.12 -15.86
CA LYS D 13 -10.08 -26.00 -16.76
C LYS D 13 -11.55 -26.05 -16.39
N PRO D 14 -12.44 -26.27 -17.37
CA PRO D 14 -13.87 -26.42 -17.04
C PRO D 14 -14.08 -27.49 -15.99
N GLY D 15 -15.00 -27.22 -15.06
CA GLY D 15 -15.32 -28.13 -13.98
C GLY D 15 -14.50 -27.93 -12.73
N ALA D 16 -13.37 -27.24 -12.81
CA ALA D 16 -12.49 -27.06 -11.66
C ALA D 16 -12.99 -25.89 -10.83
N SER D 17 -12.20 -25.48 -9.84
CA SER D 17 -12.58 -24.38 -8.95
C SER D 17 -11.41 -23.45 -8.73
N MET D 18 -11.74 -22.19 -8.44
CA MET D 18 -10.80 -21.13 -8.11
C MET D 18 -11.13 -20.62 -6.72
N LYS D 19 -10.12 -20.02 -6.09
CA LYS D 19 -10.29 -19.34 -4.82
C LYS D 19 -9.38 -18.12 -4.88
N ILE D 20 -10.01 -16.97 -5.10
CA ILE D 20 -9.32 -15.67 -5.15
C ILE D 20 -9.40 -14.95 -3.82
N SER D 21 -8.51 -14.07 -3.65
CA SER D 21 -8.27 -13.42 -2.39
C SER D 21 -8.18 -11.90 -2.52
N CYS D 22 -8.40 -11.23 -1.38
CA CYS D 22 -8.40 -9.76 -1.33
C CYS D 22 -7.85 -9.35 0.03
N LYS D 23 -6.61 -8.87 0.06
CA LYS D 23 -6.01 -8.40 1.30
C LYS D 23 -6.46 -6.97 1.56
N ALA D 24 -6.97 -6.72 2.77
CA ALA D 24 -7.48 -5.42 3.16
C ALA D 24 -6.54 -4.75 4.15
N SER D 25 -6.33 -3.44 3.96
CA SER D 25 -5.50 -2.67 4.87
C SER D 25 -5.93 -1.21 4.79
N GLY D 26 -5.67 -0.48 5.88
CA GLY D 26 -6.02 0.92 5.97
C GLY D 26 -7.37 1.22 6.57
N TYR D 27 -8.06 0.22 7.09
CA TYR D 27 -9.36 0.41 7.73
C TYR D 27 -9.62 -0.80 8.60
N THR D 28 -10.50 -0.62 9.59
CA THR D 28 -10.88 -1.72 10.45
C THR D 28 -11.70 -2.73 9.66
N PHE D 29 -11.12 -3.91 9.47
CA PHE D 29 -11.66 -4.93 8.59
C PHE D 29 -13.08 -5.35 8.97
N THR D 30 -13.41 -5.35 10.26
CA THR D 30 -14.73 -5.78 10.69
C THR D 30 -15.80 -4.68 10.64
N ASP D 31 -15.43 -3.47 10.21
CA ASP D 31 -16.42 -2.40 10.07
C ASP D 31 -17.24 -2.51 8.79
N TYR D 32 -16.75 -3.21 7.77
CA TYR D 32 -17.34 -3.15 6.45
C TYR D 32 -17.43 -4.53 5.82
N SER D 33 -18.54 -4.77 5.13
CA SER D 33 -18.68 -5.96 4.31
C SER D 33 -17.74 -5.85 3.10
N LEU D 34 -17.17 -6.98 2.71
CA LEU D 34 -16.39 -7.07 1.48
C LEU D 34 -17.24 -7.72 0.39
N HIS D 35 -17.44 -6.99 -0.69
CA HIS D 35 -18.28 -7.42 -1.81
C HIS D 35 -17.40 -7.95 -2.94
N TRP D 36 -18.00 -8.81 -3.77
CA TRP D 36 -17.35 -9.34 -4.95
C TRP D 36 -18.19 -9.02 -6.18
N VAL D 37 -17.52 -8.53 -7.22
CA VAL D 37 -18.14 -8.06 -8.44
C VAL D 37 -17.30 -8.56 -9.60
N ARG D 38 -17.95 -9.13 -10.60
CA ARG D 38 -17.25 -9.63 -11.78
C ARG D 38 -17.62 -8.84 -13.03
N GLN D 39 -16.82 -9.03 -14.07
CA GLN D 39 -16.99 -8.28 -15.30
C GLN D 39 -16.56 -9.18 -16.47
N THR D 40 -17.53 -9.78 -17.13
CA THR D 40 -17.25 -10.60 -18.29
C THR D 40 -16.65 -9.71 -19.38
N PRO D 41 -15.75 -10.25 -20.21
CA PRO D 41 -15.09 -9.40 -21.22
C PRO D 41 -16.06 -8.58 -22.06
N GLY D 42 -15.76 -7.29 -22.17
CA GLY D 42 -16.55 -6.37 -22.95
C GLY D 42 -17.97 -6.12 -22.46
N LYS D 43 -18.31 -6.53 -21.24
CA LYS D 43 -19.67 -6.45 -20.73
C LYS D 43 -19.66 -5.77 -19.38
N GLY D 44 -20.79 -5.79 -18.71
CA GLY D 44 -21.04 -4.92 -17.58
C GLY D 44 -20.64 -5.52 -16.24
N LEU D 45 -20.70 -4.65 -15.23
CA LEU D 45 -20.42 -5.07 -13.86
C LEU D 45 -21.55 -5.93 -13.33
N GLU D 46 -21.20 -6.93 -12.50
CA GLU D 46 -22.17 -7.91 -12.02
C GLU D 46 -21.81 -8.27 -10.58
N TRP D 47 -22.65 -7.84 -9.63
CA TRP D 47 -22.44 -8.12 -8.21
C TRP D 47 -22.78 -9.58 -7.91
N MET D 48 -21.86 -10.26 -7.21
CA MET D 48 -22.00 -11.67 -6.89
C MET D 48 -22.40 -11.92 -5.45
N GLY D 49 -21.80 -11.21 -4.50
CA GLY D 49 -22.11 -11.42 -3.11
C GLY D 49 -21.29 -10.53 -2.21
N ARG D 50 -21.40 -10.81 -0.90
CA ARG D 50 -20.71 -10.04 0.12
C ARG D 50 -20.45 -10.95 1.30
N VAL D 51 -19.45 -10.60 2.11
CA VAL D 51 -19.19 -11.28 3.37
C VAL D 51 -19.03 -10.22 4.45
N ASP D 52 -19.58 -10.49 5.62
CA ASP D 52 -19.53 -9.57 6.74
C ASP D 52 -18.55 -10.08 7.79
N PRO D 53 -17.34 -9.53 7.87
CA PRO D 53 -16.38 -10.03 8.88
C PRO D 53 -16.85 -9.81 10.32
N GLU D 54 -17.85 -8.97 10.56
CA GLU D 54 -18.32 -8.75 11.91
C GLU D 54 -18.94 -10.01 12.50
N ASP D 55 -19.64 -10.79 11.69
CA ASP D 55 -20.34 -11.97 12.18
C ASP D 55 -20.21 -13.17 11.24
N GLY D 56 -19.41 -13.07 10.18
CA GLY D 56 -19.17 -14.18 9.28
C GLY D 56 -20.29 -14.51 8.31
N GLU D 57 -21.36 -13.71 8.27
CA GLU D 57 -22.44 -13.96 7.33
C GLU D 57 -22.04 -13.57 5.92
N SER D 58 -22.48 -14.38 4.95
CA SER D 58 -22.25 -14.12 3.54
C SER D 58 -23.59 -14.13 2.83
N HIS D 59 -23.74 -13.26 1.83
CA HIS D 59 -24.96 -13.16 1.08
C HIS D 59 -24.64 -13.09 -0.41
N TYR D 60 -25.50 -13.70 -1.23
CA TYR D 60 -25.23 -13.88 -2.65
C TYR D 60 -26.46 -13.53 -3.49
N ALA D 61 -26.20 -13.24 -4.75
CA ALA D 61 -27.25 -13.21 -5.76
C ALA D 61 -27.65 -14.64 -6.15
N GLN D 62 -28.92 -14.80 -6.53
CA GLN D 62 -29.43 -16.14 -6.79
C GLN D 62 -28.68 -16.82 -7.92
N LYS D 63 -28.13 -16.06 -8.85
CA LYS D 63 -27.38 -16.64 -9.96
C LYS D 63 -26.03 -17.19 -9.54
N PHE D 64 -25.67 -17.08 -8.26
CA PHE D 64 -24.37 -17.51 -7.78
C PHE D 64 -24.41 -18.33 -6.51
N GLN D 65 -25.56 -18.49 -5.86
CA GLN D 65 -25.58 -18.94 -4.48
C GLN D 65 -25.29 -20.43 -4.30
N ASP D 66 -25.21 -21.22 -5.36
CA ASP D 66 -24.75 -22.60 -5.22
C ASP D 66 -23.24 -22.69 -5.34
N ARG D 67 -22.70 -22.24 -6.47
CA ARG D 67 -21.31 -22.49 -6.79
C ARG D 67 -20.34 -21.60 -6.02
N VAL D 68 -20.79 -20.49 -5.48
CA VAL D 68 -19.91 -19.47 -4.91
C VAL D 68 -20.01 -19.52 -3.40
N THR D 69 -18.87 -19.39 -2.73
CA THR D 69 -18.84 -19.22 -1.28
C THR D 69 -17.76 -18.20 -0.94
N ILE D 70 -18.18 -17.11 -0.29
CA ILE D 70 -17.31 -16.01 0.07
C ILE D 70 -17.06 -16.09 1.57
N THR D 71 -15.80 -15.90 1.97
CA THR D 71 -15.42 -15.99 3.37
C THR D 71 -14.43 -14.88 3.70
N ALA D 72 -14.33 -14.58 4.99
CA ALA D 72 -13.40 -13.59 5.52
C ALA D 72 -12.64 -14.18 6.69
N ASP D 73 -11.33 -14.00 6.69
CA ASP D 73 -10.48 -14.37 7.82
C ASP D 73 -10.08 -13.09 8.54
N THR D 74 -10.59 -12.92 9.76
CA THR D 74 -10.31 -11.73 10.55
C THR D 74 -8.92 -11.71 11.16
N SER D 75 -8.23 -12.86 11.24
CA SER D 75 -6.87 -12.87 11.75
C SER D 75 -5.89 -12.27 10.74
N THR D 76 -6.13 -12.49 9.45
CA THR D 76 -5.26 -11.99 8.39
C THR D 76 -5.82 -10.76 7.69
N ASP D 77 -7.10 -10.41 7.92
CA ASP D 77 -7.75 -9.32 7.20
C ASP D 77 -7.71 -9.58 5.69
N THR D 78 -8.02 -10.82 5.33
CA THR D 78 -8.13 -11.23 3.94
C THR D 78 -9.50 -11.88 3.73
N ALA D 79 -10.20 -11.44 2.68
CA ALA D 79 -11.44 -12.06 2.25
C ALA D 79 -11.16 -12.92 1.03
N TYR D 80 -11.88 -14.03 0.93
CA TYR D 80 -11.71 -14.98 -0.16
C TYR D 80 -13.05 -15.22 -0.83
N MET D 81 -13.00 -15.58 -2.11
CA MET D 81 -14.17 -16.06 -2.83
C MET D 81 -13.78 -17.30 -3.62
N GLU D 82 -14.37 -18.44 -3.28
CA GLU D 82 -14.21 -19.68 -4.03
C GLU D 82 -15.40 -19.81 -4.97
N VAL D 83 -15.13 -20.15 -6.22
CA VAL D 83 -16.16 -20.43 -7.22
C VAL D 83 -15.98 -21.86 -7.70
N ARG D 84 -17.02 -22.66 -7.56
CA ARG D 84 -17.00 -24.07 -7.89
C ARG D 84 -17.59 -24.32 -9.28
N SER D 85 -17.18 -25.45 -9.89
CA SER D 85 -17.72 -25.92 -11.16
C SER D 85 -17.68 -24.81 -12.22
N LEU D 86 -16.46 -24.42 -12.56
CA LEU D 86 -16.25 -23.30 -13.46
C LEU D 86 -16.64 -23.65 -14.89
N ARG D 87 -17.30 -22.71 -15.55
CA ARG D 87 -17.72 -22.84 -16.94
C ARG D 87 -16.87 -21.93 -17.83
N SER D 88 -16.97 -22.17 -19.14
CA SER D 88 -16.38 -21.22 -20.08
C SER D 88 -16.96 -19.83 -19.87
N GLU D 89 -18.23 -19.75 -19.49
CA GLU D 89 -18.89 -18.48 -19.30
C GLU D 89 -18.29 -17.66 -18.16
N ASP D 90 -17.57 -18.30 -17.24
CA ASP D 90 -17.05 -17.63 -16.05
C ASP D 90 -15.73 -16.92 -16.29
N THR D 91 -15.25 -16.88 -17.53
CA THR D 91 -14.07 -16.10 -17.86
C THR D 91 -14.33 -14.62 -17.62
N ALA D 92 -13.66 -14.00 -16.66
CA ALA D 92 -14.05 -12.65 -16.28
C ALA D 92 -12.99 -12.01 -15.39
N MET D 93 -13.09 -10.68 -15.27
CA MET D 93 -12.34 -9.91 -14.30
C MET D 93 -13.15 -9.87 -13.00
N TYR D 94 -12.53 -10.30 -11.91
CA TYR D 94 -13.19 -10.38 -10.61
C TYR D 94 -12.61 -9.34 -9.67
N TYR D 95 -13.50 -8.51 -9.09
CA TYR D 95 -13.10 -7.43 -8.20
C TYR D 95 -13.61 -7.69 -6.79
N CYS D 96 -12.82 -7.30 -5.80
CA CYS D 96 -13.32 -7.07 -4.44
C CYS D 96 -13.53 -5.57 -4.26
N ALA D 97 -14.55 -5.22 -3.48
CA ALA D 97 -14.87 -3.83 -3.22
C ALA D 97 -15.41 -3.68 -1.81
N THR D 98 -15.25 -2.48 -1.25
CA THR D 98 -15.71 -2.21 0.10
C THR D 98 -16.32 -0.81 0.15
N ASP D 99 -17.36 -0.66 0.98
CA ASP D 99 -17.91 0.64 1.26
C ASP D 99 -16.98 1.40 2.20
N HIS D 100 -17.25 2.70 2.38
CA HIS D 100 -16.48 3.45 3.35
C HIS D 100 -17.24 4.69 3.82
N ARG D 101 -17.04 5.03 5.08
CA ARG D 101 -17.60 6.25 5.63
C ARG D 101 -16.77 7.46 5.19
N GLU D 102 -17.46 8.53 4.79
CA GLU D 102 -16.82 9.80 4.46
C GLU D 102 -17.47 10.91 5.27
N ASP D 103 -16.69 11.92 5.62
CA ASP D 103 -17.27 13.12 6.22
C ASP D 103 -18.10 13.85 5.16
N GLY D 104 -19.29 14.27 5.55
CA GLY D 104 -20.26 14.81 4.61
C GLY D 104 -19.90 16.16 4.02
N PRO D 105 -20.63 16.56 2.98
CA PRO D 105 -20.30 17.83 2.31
C PRO D 105 -20.59 19.06 3.15
N THR D 106 -21.50 18.99 4.12
CA THR D 106 -21.80 20.14 4.98
C THR D 106 -21.87 19.68 6.43
N TYR D 107 -21.91 20.68 7.33
CA TYR D 107 -21.96 20.41 8.76
C TYR D 107 -23.28 19.80 9.18
N PHE D 108 -24.40 20.20 8.55
CA PHE D 108 -25.66 19.53 8.83
C PHE D 108 -25.67 18.08 8.35
N SER D 109 -24.81 17.73 7.39
CA SER D 109 -24.92 16.45 6.71
C SER D 109 -24.56 15.28 7.60
N GLY D 110 -23.46 15.39 8.35
CA GLY D 110 -22.96 14.28 9.11
C GLY D 110 -22.13 13.33 8.27
N VAL D 111 -21.62 12.30 8.94
CA VAL D 111 -20.79 11.31 8.26
C VAL D 111 -21.66 10.45 7.36
N GLN D 112 -21.16 10.17 6.16
CA GLN D 112 -21.91 9.46 5.12
C GLN D 112 -21.32 8.08 4.88
N TRP D 113 -22.17 7.17 4.38
CA TRP D 113 -21.77 5.81 4.01
C TRP D 113 -21.86 5.69 2.49
N VAL D 114 -20.71 5.46 1.85
CA VAL D 114 -20.57 5.50 0.40
C VAL D 114 -20.39 4.07 -0.11
N PRO D 115 -21.30 3.55 -0.96
CA PRO D 115 -21.12 2.18 -1.44
C PRO D 115 -19.99 2.05 -2.45
N PHE D 116 -19.36 0.87 -2.46
CA PHE D 116 -18.20 0.55 -3.30
C PHE D 116 -17.26 1.74 -3.44
N ARG D 117 -16.81 2.26 -2.30
CA ARG D 117 -15.91 3.40 -2.35
C ARG D 117 -14.49 3.02 -2.75
N PHE D 118 -14.03 1.82 -2.37
CA PHE D 118 -12.69 1.35 -2.68
C PHE D 118 -12.79 0.01 -3.39
N TRP D 119 -12.06 -0.12 -4.51
CA TRP D 119 -12.04 -1.34 -5.30
C TRP D 119 -10.64 -1.93 -5.33
N GLY D 120 -10.56 -3.25 -5.48
CA GLY D 120 -9.31 -3.89 -5.78
C GLY D 120 -8.90 -3.64 -7.22
N GLN D 121 -7.66 -4.04 -7.53
CA GLN D 121 -7.17 -3.86 -8.90
C GLN D 121 -7.84 -4.82 -9.87
N GLY D 122 -8.52 -5.84 -9.38
CA GLY D 122 -9.12 -6.83 -10.25
C GLY D 122 -8.16 -7.96 -10.58
N VAL D 123 -8.71 -9.16 -10.71
CA VAL D 123 -7.96 -10.34 -11.13
C VAL D 123 -8.70 -10.97 -12.31
N LEU D 124 -7.98 -11.21 -13.40
CA LEU D 124 -8.56 -11.86 -14.58
C LEU D 124 -8.42 -13.37 -14.40
N VAL D 125 -9.54 -14.07 -14.42
CA VAL D 125 -9.57 -15.53 -14.41
C VAL D 125 -10.11 -16.00 -15.75
N THR D 126 -9.34 -16.84 -16.41
CA THR D 126 -9.75 -17.46 -17.68
C THR D 126 -10.07 -18.92 -17.44
N VAL D 127 -11.20 -19.38 -17.97
CA VAL D 127 -11.60 -20.79 -17.91
C VAL D 127 -11.52 -21.35 -19.32
N SER D 128 -10.66 -22.34 -19.52
CA SER D 128 -10.47 -22.87 -20.87
C SER D 128 -9.82 -24.26 -20.79
N SER D 129 -10.24 -25.13 -21.71
CA SER D 129 -9.56 -26.42 -21.87
C SER D 129 -8.16 -26.22 -22.45
N ALA D 130 -7.95 -25.14 -23.20
CA ALA D 130 -6.71 -24.96 -23.94
C ALA D 130 -5.51 -24.91 -23.00
N SER D 131 -4.35 -25.29 -23.55
CA SER D 131 -3.14 -25.36 -22.75
C SER D 131 -2.60 -23.97 -22.43
N THR D 132 -2.12 -23.80 -21.21
CA THR D 132 -1.40 -22.59 -20.85
C THR D 132 -0.04 -22.58 -21.53
N LYS D 133 0.30 -21.45 -22.17
CA LYS D 133 1.59 -21.30 -22.85
C LYS D 133 2.16 -19.92 -22.53
N GLY D 134 3.42 -19.88 -22.12
CA GLY D 134 4.06 -18.66 -21.73
C GLY D 134 4.61 -17.91 -22.92
N PRO D 135 4.97 -16.65 -22.67
CA PRO D 135 5.44 -15.79 -23.77
C PRO D 135 6.87 -16.13 -24.18
N SER D 136 7.07 -16.14 -25.50
CA SER D 136 8.40 -16.01 -26.09
C SER D 136 8.66 -14.53 -26.34
N VAL D 137 9.83 -14.05 -25.92
CA VAL D 137 10.13 -12.62 -25.92
C VAL D 137 11.34 -12.35 -26.80
N PHE D 138 11.23 -11.32 -27.64
CA PHE D 138 12.25 -10.96 -28.62
C PHE D 138 12.46 -9.45 -28.62
N PRO D 139 13.69 -8.99 -28.85
CA PRO D 139 13.94 -7.55 -28.82
C PRO D 139 13.61 -6.87 -30.15
N LEU D 140 13.09 -5.66 -30.07
CA LEU D 140 12.83 -4.80 -31.22
C LEU D 140 13.88 -3.70 -31.22
N ALA D 141 14.96 -3.91 -32.01
CA ALA D 141 16.15 -3.06 -31.96
C ALA D 141 16.02 -1.84 -32.87
N PRO D 142 16.65 -0.74 -32.50
CA PRO D 142 16.51 0.51 -33.26
C PRO D 142 17.44 0.57 -34.47
N SER D 143 17.02 1.37 -35.45
CA SER D 143 17.80 1.62 -36.65
C SER D 143 18.68 2.85 -36.47
N GLY D 150 18.23 12.97 -33.02
CA GLY D 150 16.93 12.98 -32.38
C GLY D 150 16.61 11.69 -31.65
N THR D 151 15.33 11.34 -31.62
CA THR D 151 14.87 10.20 -30.84
C THR D 151 14.90 8.92 -31.67
N ALA D 152 14.80 7.79 -30.96
CA ALA D 152 14.81 6.46 -31.55
C ALA D 152 13.90 5.56 -30.73
N ALA D 153 13.29 4.57 -31.40
CA ALA D 153 12.34 3.68 -30.78
C ALA D 153 12.89 2.27 -30.70
N LEU D 154 12.71 1.63 -29.54
CA LEU D 154 13.12 0.26 -29.30
C LEU D 154 12.07 -0.39 -28.41
N GLY D 155 11.98 -1.72 -28.49
CA GLY D 155 10.92 -2.38 -27.77
C GLY D 155 11.13 -3.87 -27.61
N CYS D 156 10.05 -4.55 -27.21
CA CYS D 156 10.03 -5.98 -26.98
C CYS D 156 8.77 -6.57 -27.61
N LEU D 157 8.95 -7.68 -28.31
CA LEU D 157 7.84 -8.46 -28.84
C LEU D 157 7.59 -9.64 -27.90
N VAL D 158 6.39 -9.70 -27.34
CA VAL D 158 5.96 -10.76 -26.43
C VAL D 158 4.99 -11.65 -27.19
N LYS D 159 5.35 -12.92 -27.39
CA LYS D 159 4.74 -13.70 -28.45
C LYS D 159 4.12 -15.02 -28.01
N ASP D 160 2.98 -15.33 -28.63
CA ASP D 160 2.37 -16.66 -28.62
C ASP D 160 2.09 -17.16 -27.20
N TYR D 161 1.46 -16.32 -26.39
CA TYR D 161 1.11 -16.71 -25.03
C TYR D 161 -0.39 -16.92 -24.87
N PHE D 162 -0.76 -17.69 -23.83
CA PHE D 162 -2.16 -17.92 -23.50
C PHE D 162 -2.25 -18.37 -22.04
N PRO D 163 -3.25 -17.90 -21.27
CA PRO D 163 -4.23 -16.89 -21.65
C PRO D 163 -3.74 -15.48 -21.31
N GLU D 164 -4.61 -14.49 -21.41
CA GLU D 164 -4.31 -13.17 -20.87
C GLU D 164 -4.24 -13.27 -19.34
N PRO D 165 -3.53 -12.34 -18.69
CA PRO D 165 -2.81 -11.21 -19.28
C PRO D 165 -1.30 -11.22 -19.12
N VAL D 166 -0.66 -10.25 -19.77
CA VAL D 166 0.77 -9.98 -19.63
C VAL D 166 0.94 -8.56 -19.14
N THR D 167 1.95 -8.35 -18.30
CA THR D 167 2.37 -7.00 -17.91
C THR D 167 3.83 -6.81 -18.32
N VAL D 168 4.17 -5.57 -18.69
CA VAL D 168 5.50 -5.23 -19.15
C VAL D 168 5.98 -3.99 -18.41
N SER D 169 7.24 -3.99 -18.01
CA SER D 169 7.90 -2.82 -17.45
C SER D 169 9.29 -2.74 -18.07
N TRP D 170 9.97 -1.63 -17.82
CA TRP D 170 11.28 -1.38 -18.39
C TRP D 170 12.26 -0.99 -17.29
N ASN D 171 13.43 -1.62 -17.30
CA ASN D 171 14.46 -1.41 -16.29
C ASN D 171 13.88 -1.55 -14.89
N SER D 172 13.14 -2.64 -14.70
CA SER D 172 12.48 -2.97 -13.42
C SER D 172 11.52 -1.88 -12.97
N GLY D 173 10.99 -1.08 -13.90
CA GLY D 173 10.06 -0.02 -13.58
C GLY D 173 10.69 1.33 -13.37
N ALA D 174 12.02 1.42 -13.39
CA ALA D 174 12.68 2.73 -13.29
C ALA D 174 12.38 3.60 -14.50
N LEU D 175 11.93 2.99 -15.60
CA LEU D 175 11.67 3.72 -16.84
C LEU D 175 10.19 3.60 -17.19
N THR D 176 9.53 4.75 -17.27
CA THR D 176 8.14 4.83 -17.73
C THR D 176 7.91 6.01 -18.66
N SER D 177 8.78 7.01 -18.67
CA SER D 177 8.71 8.08 -19.65
C SER D 177 8.98 7.53 -21.04
N GLY D 178 8.07 7.80 -21.97
CA GLY D 178 8.27 7.37 -23.35
C GLY D 178 7.86 5.96 -23.65
N VAL D 179 7.17 5.28 -22.74
CA VAL D 179 6.83 3.88 -22.86
C VAL D 179 5.40 3.76 -23.33
N HIS D 180 5.16 2.93 -24.35
CA HIS D 180 3.80 2.50 -24.67
C HIS D 180 3.75 1.00 -24.88
N THR D 181 2.94 0.34 -24.05
CA THR D 181 2.63 -1.07 -24.21
C THR D 181 1.28 -1.18 -24.91
N PHE D 182 1.23 -1.87 -26.04
CA PHE D 182 0.06 -1.96 -26.88
C PHE D 182 -0.87 -3.10 -26.46
N PRO D 183 -2.15 -3.03 -26.82
CA PRO D 183 -3.04 -4.17 -26.60
C PRO D 183 -2.51 -5.43 -27.30
N ALA D 184 -2.93 -6.57 -26.77
CA ALA D 184 -2.55 -7.86 -27.35
C ALA D 184 -3.45 -8.17 -28.53
N VAL D 185 -2.86 -8.66 -29.60
CA VAL D 185 -3.61 -9.18 -30.74
C VAL D 185 -3.94 -10.64 -30.46
N LEU D 186 -5.20 -11.01 -30.67
CA LEU D 186 -5.62 -12.40 -30.62
C LEU D 186 -5.47 -12.98 -32.03
N GLN D 187 -4.56 -13.92 -32.19
CA GLN D 187 -4.27 -14.48 -33.51
C GLN D 187 -5.07 -15.77 -33.72
N SER D 188 -5.08 -16.22 -34.98
CA SER D 188 -6.03 -17.24 -35.40
C SER D 188 -5.83 -18.57 -34.68
N SER D 189 -4.61 -18.88 -34.20
CA SER D 189 -4.39 -20.09 -33.42
C SER D 189 -4.99 -20.00 -32.02
N GLY D 190 -5.55 -18.85 -31.64
CA GLY D 190 -6.06 -18.67 -30.31
C GLY D 190 -5.05 -18.19 -29.29
N LEU D 191 -3.81 -17.95 -29.71
CA LEU D 191 -2.77 -17.42 -28.84
C LEU D 191 -2.73 -15.89 -28.97
N TYR D 192 -2.04 -15.26 -28.02
CA TYR D 192 -1.93 -13.80 -27.97
C TYR D 192 -0.49 -13.37 -28.20
N SER D 193 -0.33 -12.14 -28.68
CA SER D 193 0.97 -11.50 -28.81
C SER D 193 0.79 -10.01 -28.54
N LEU D 194 1.82 -9.39 -27.97
CA LEU D 194 1.81 -7.95 -27.76
C LEU D 194 3.21 -7.39 -27.87
N SER D 195 3.29 -6.07 -28.00
CA SER D 195 4.55 -5.36 -28.06
C SER D 195 4.53 -4.19 -27.07
N SER D 196 5.71 -3.91 -26.52
CA SER D 196 5.95 -2.73 -25.69
C SER D 196 7.12 -1.97 -26.29
N VAL D 197 6.95 -0.68 -26.49
CA VAL D 197 7.97 0.17 -27.09
C VAL D 197 8.28 1.30 -26.12
N VAL D 198 9.53 1.77 -26.16
CA VAL D 198 9.95 2.93 -25.40
C VAL D 198 10.79 3.81 -26.32
N THR D 199 10.49 5.10 -26.34
CA THR D 199 11.18 6.05 -27.22
C THR D 199 12.30 6.73 -26.45
N VAL D 200 13.42 6.94 -27.13
CA VAL D 200 14.70 7.17 -26.46
C VAL D 200 15.55 8.17 -27.23
N PRO D 201 16.30 9.04 -26.56
CA PRO D 201 17.31 9.85 -27.27
C PRO D 201 18.37 8.97 -27.92
N SER D 202 18.66 9.25 -29.20
CA SER D 202 19.68 8.49 -29.90
C SER D 202 21.05 8.62 -29.25
N SER D 203 21.25 9.65 -28.42
CA SER D 203 22.55 9.83 -27.79
C SER D 203 22.91 8.68 -26.85
N SER D 204 21.91 7.98 -26.31
CA SER D 204 22.13 7.07 -25.20
C SER D 204 22.42 5.63 -25.63
N LEU D 205 22.12 5.28 -26.88
CA LEU D 205 22.03 3.87 -27.25
C LEU D 205 23.34 3.12 -27.06
N GLY D 206 24.47 3.79 -27.24
CA GLY D 206 25.76 3.15 -27.07
C GLY D 206 26.25 3.04 -25.66
N THR D 207 25.50 3.56 -24.68
CA THR D 207 25.92 3.53 -23.29
C THR D 207 24.82 2.97 -22.40
N GLN D 208 23.60 3.43 -22.61
CA GLN D 208 22.47 3.02 -21.79
C GLN D 208 22.07 1.58 -22.07
N THR D 209 21.49 0.93 -21.06
CA THR D 209 20.94 -0.42 -21.17
C THR D 209 19.44 -0.35 -20.94
N TYR D 210 18.68 -0.91 -21.88
CA TYR D 210 17.23 -0.98 -21.79
C TYR D 210 16.79 -2.44 -21.72
N ILE D 211 16.14 -2.80 -20.62
CA ILE D 211 15.68 -4.16 -20.38
C ILE D 211 14.17 -4.13 -20.18
N CYS D 212 13.44 -4.91 -20.95
CA CYS D 212 12.01 -5.09 -20.75
C CYS D 212 11.77 -6.29 -19.85
N ASN D 213 10.87 -6.13 -18.88
CA ASN D 213 10.55 -7.16 -17.90
C ASN D 213 9.13 -7.63 -18.15
N VAL D 214 8.98 -8.88 -18.56
CA VAL D 214 7.68 -9.44 -18.90
C VAL D 214 7.21 -10.36 -17.78
N ASN D 215 5.93 -10.27 -17.43
CA ASN D 215 5.34 -11.14 -16.41
C ASN D 215 4.02 -11.68 -16.93
N HIS D 216 3.93 -13.01 -17.02
CA HIS D 216 2.71 -13.72 -17.44
C HIS D 216 2.27 -14.58 -16.25
N LYS D 217 1.45 -14.00 -15.38
CA LYS D 217 1.10 -14.71 -14.16
C LYS D 217 0.35 -16.02 -14.38
N PRO D 218 -0.47 -16.19 -15.42
CA PRO D 218 -1.15 -17.48 -15.59
C PRO D 218 -0.21 -18.67 -15.67
N SER D 219 0.97 -18.51 -16.26
CA SER D 219 1.98 -19.56 -16.32
C SER D 219 3.10 -19.35 -15.31
N ASN D 220 2.96 -18.37 -14.41
CA ASN D 220 4.01 -18.00 -13.48
C ASN D 220 5.34 -17.77 -14.20
N THR D 221 5.27 -17.16 -15.38
CA THR D 221 6.45 -16.91 -16.19
C THR D 221 6.91 -15.47 -16.03
N LYS D 222 8.19 -15.28 -15.72
CA LYS D 222 8.84 -13.98 -15.75
C LYS D 222 9.97 -14.04 -16.78
N VAL D 223 10.11 -12.98 -17.58
CA VAL D 223 11.16 -12.90 -18.59
C VAL D 223 11.81 -11.51 -18.50
N ASP D 224 13.13 -11.48 -18.67
CA ASP D 224 13.88 -10.25 -18.88
C ASP D 224 14.60 -10.34 -20.22
N LYS D 225 14.51 -9.28 -21.02
CA LYS D 225 15.22 -9.22 -22.29
C LYS D 225 15.85 -7.85 -22.46
N ARG D 226 17.16 -7.84 -22.74
CA ARG D 226 17.89 -6.63 -23.03
C ARG D 226 17.81 -6.31 -24.52
N VAL D 227 17.66 -5.03 -24.84
CA VAL D 227 17.43 -4.57 -26.21
C VAL D 227 18.58 -3.67 -26.62
N GLU D 228 19.22 -3.99 -27.74
CA GLU D 228 20.41 -3.27 -28.19
C GLU D 228 20.39 -3.12 -29.70
N PRO D 229 21.07 -2.08 -30.24
CA PRO D 229 21.12 -1.85 -31.68
C PRO D 229 21.76 -3.00 -32.46
N VAL E 1 -34.19 -7.37 -10.43
CA VAL E 1 -34.33 -6.00 -10.91
C VAL E 1 -33.39 -5.74 -12.08
N VAL E 2 -33.87 -5.04 -13.09
CA VAL E 2 -33.05 -4.54 -14.18
C VAL E 2 -33.11 -3.02 -14.19
N PHE E 3 -31.94 -2.39 -14.29
CA PHE E 3 -31.82 -0.96 -14.59
C PHE E 3 -31.36 -0.84 -16.03
N THR E 4 -32.21 -0.30 -16.90
CA THR E 4 -31.88 -0.20 -18.32
C THR E 4 -31.10 1.09 -18.60
N GLN E 5 -29.98 0.96 -19.28
CA GLN E 5 -29.16 2.09 -19.68
C GLN E 5 -28.95 2.09 -21.19
N PRO E 6 -28.71 3.25 -21.80
CA PRO E 6 -28.32 3.27 -23.21
C PRO E 6 -26.90 2.73 -23.38
N HIS E 7 -26.76 1.73 -24.26
CA HIS E 7 -25.44 1.13 -24.46
C HIS E 7 -24.39 2.18 -24.82
N SER E 8 -24.78 3.21 -25.57
CA SER E 8 -23.83 4.22 -26.02
C SER E 8 -24.43 5.61 -25.89
N VAL E 9 -23.59 6.56 -25.50
CA VAL E 9 -23.91 7.97 -25.49
C VAL E 9 -22.67 8.72 -25.96
N SER E 10 -22.87 9.82 -26.68
CA SER E 10 -21.75 10.60 -27.18
C SER E 10 -21.99 12.09 -26.98
N GLY E 11 -20.90 12.85 -27.05
CA GLY E 11 -20.94 14.29 -26.87
C GLY E 11 -19.64 14.87 -27.38
N SER E 12 -19.50 16.18 -27.24
CA SER E 12 -18.35 16.90 -27.76
C SER E 12 -17.75 17.78 -26.67
N PRO E 13 -16.49 18.20 -26.84
CA PRO E 13 -15.87 19.07 -25.83
C PRO E 13 -16.74 20.25 -25.46
N GLY E 14 -16.94 20.45 -24.16
CA GLY E 14 -17.74 21.55 -23.65
C GLY E 14 -19.23 21.32 -23.62
N GLN E 15 -19.70 20.19 -24.12
CA GLN E 15 -21.12 19.88 -24.07
C GLN E 15 -21.50 19.35 -22.68
N THR E 16 -22.80 19.19 -22.48
CA THR E 16 -23.35 18.43 -21.37
C THR E 16 -24.07 17.22 -21.92
N VAL E 17 -23.79 16.04 -21.35
CA VAL E 17 -24.42 14.80 -21.76
C VAL E 17 -25.15 14.21 -20.56
N THR E 18 -26.25 13.51 -20.84
CA THR E 18 -27.06 12.89 -19.80
C THR E 18 -27.18 11.40 -20.07
N ILE E 19 -26.93 10.60 -19.04
CA ILE E 19 -27.01 9.15 -19.11
C ILE E 19 -28.10 8.72 -18.14
N SER E 20 -29.12 8.04 -18.67
CA SER E 20 -30.32 7.76 -17.90
C SER E 20 -30.43 6.27 -17.60
N CYS E 21 -31.03 5.98 -16.45
CA CYS E 21 -31.06 4.65 -15.83
C CYS E 21 -32.50 4.42 -15.39
N THR E 22 -33.26 3.63 -16.14
CA THR E 22 -34.68 3.44 -15.89
C THR E 22 -34.90 2.09 -15.23
N ARG E 23 -35.59 2.10 -14.08
CA ARG E 23 -35.84 0.92 -13.28
C ARG E 23 -37.01 0.12 -13.86
N SER E 24 -36.80 -1.18 -14.07
CA SER E 24 -37.82 -1.99 -14.74
C SER E 24 -38.91 -2.47 -13.79
N SER E 25 -38.60 -2.65 -12.51
CA SER E 25 -39.58 -3.10 -11.52
C SER E 25 -39.33 -2.38 -10.21
N GLY E 26 -40.41 -2.13 -9.47
CA GLY E 26 -40.34 -1.28 -8.31
C GLY E 26 -40.17 0.18 -8.72
N SER E 27 -40.20 1.04 -7.71
CA SER E 27 -40.08 2.47 -7.92
C SER E 27 -38.63 2.92 -7.76
N ILE E 28 -38.22 3.89 -8.57
CA ILE E 28 -36.90 4.48 -8.43
C ILE E 28 -36.73 5.27 -7.14
N ASP E 29 -37.84 5.63 -6.50
CA ASP E 29 -37.80 6.31 -5.20
C ASP E 29 -37.67 5.35 -4.04
N SER E 30 -37.60 4.04 -4.29
CA SER E 30 -37.55 3.07 -3.20
C SER E 30 -36.14 2.86 -2.67
N GLU E 31 -35.11 3.14 -3.47
CA GLU E 31 -33.74 2.91 -3.08
C GLU E 31 -32.86 4.02 -3.63
N TYR E 32 -31.71 4.23 -2.99
CA TYR E 32 -30.75 5.24 -3.44
C TYR E 32 -30.01 4.74 -4.67
N VAL E 33 -29.62 5.68 -5.54
CA VAL E 33 -28.88 5.36 -6.76
C VAL E 33 -27.46 5.89 -6.65
N GLN E 34 -26.49 5.03 -6.96
CA GLN E 34 -25.08 5.37 -7.06
C GLN E 34 -24.67 5.33 -8.53
N TRP E 35 -23.63 6.10 -8.89
CA TRP E 35 -23.08 6.09 -10.25
C TRP E 35 -21.58 5.86 -10.20
N TYR E 36 -21.07 5.11 -11.17
CA TYR E 36 -19.65 4.77 -11.20
C TYR E 36 -19.05 5.02 -12.57
N GLN E 37 -17.82 5.53 -12.57
CA GLN E 37 -17.02 5.71 -13.77
C GLN E 37 -15.98 4.60 -13.82
N GLN E 38 -15.77 4.03 -15.01
CA GLN E 38 -14.72 3.04 -15.22
C GLN E 38 -14.04 3.31 -16.56
N ARG E 39 -12.81 3.78 -16.50
CA ARG E 39 -12.02 4.03 -17.70
C ARG E 39 -11.44 2.72 -18.22
N PRO E 40 -11.10 2.66 -19.51
CA PRO E 40 -10.59 1.40 -20.08
C PRO E 40 -9.35 0.91 -19.33
N GLY E 41 -9.42 -0.33 -18.84
CA GLY E 41 -8.29 -0.93 -18.13
C GLY E 41 -8.10 -0.45 -16.71
N SER E 42 -9.14 0.08 -16.08
CA SER E 42 -9.07 0.53 -14.71
C SER E 42 -10.26 -0.04 -13.93
N ALA E 43 -10.13 -0.01 -12.61
CA ALA E 43 -11.23 -0.42 -11.75
C ALA E 43 -12.28 0.68 -11.70
N PRO E 44 -13.52 0.33 -11.35
CA PRO E 44 -14.57 1.36 -11.25
C PRO E 44 -14.27 2.34 -10.13
N THR E 45 -14.83 3.56 -10.26
CA THR E 45 -14.70 4.60 -9.26
C THR E 45 -16.07 5.24 -9.04
N THR E 46 -16.35 5.61 -7.79
CA THR E 46 -17.66 6.14 -7.45
C THR E 46 -17.73 7.63 -7.76
N LEU E 47 -18.80 8.02 -8.45
CA LEU E 47 -19.11 9.41 -8.77
C LEU E 47 -20.22 9.97 -7.90
N ILE E 48 -21.29 9.21 -7.70
CA ILE E 48 -22.52 9.66 -7.03
C ILE E 48 -22.95 8.61 -6.03
N TYR E 49 -23.53 9.07 -4.92
CA TYR E 49 -24.22 8.20 -3.98
C TYR E 49 -25.40 8.97 -3.40
N LYS E 50 -26.36 8.23 -2.86
CA LYS E 50 -27.59 8.81 -2.35
C LYS E 50 -28.20 9.75 -3.39
N ASP E 51 -28.36 9.24 -4.61
CA ASP E 51 -29.06 9.89 -5.71
C ASP E 51 -28.30 11.05 -6.31
N ASN E 52 -27.75 11.95 -5.50
CA ASN E 52 -27.18 13.16 -6.08
C ASN E 52 -25.96 13.70 -5.33
N GLN E 53 -25.33 12.94 -4.45
CA GLN E 53 -24.20 13.43 -3.66
C GLN E 53 -22.89 12.94 -4.26
N ARG E 54 -21.86 13.78 -4.18
CA ARG E 54 -20.55 13.44 -4.73
C ARG E 54 -19.58 13.08 -3.62
N PRO E 55 -18.81 12.00 -3.74
CA PRO E 55 -17.67 11.80 -2.83
C PRO E 55 -16.69 12.94 -2.97
N SER E 56 -15.91 13.17 -1.90
CA SER E 56 -14.84 14.16 -1.99
C SER E 56 -13.83 13.71 -3.04
N GLY E 57 -13.43 14.65 -3.90
CA GLY E 57 -12.51 14.36 -4.99
C GLY E 57 -13.15 14.24 -6.36
N VAL E 58 -14.46 14.37 -6.45
CA VAL E 58 -15.19 14.23 -7.72
C VAL E 58 -15.58 15.62 -8.18
N PRO E 59 -15.33 15.98 -9.44
CA PRO E 59 -15.68 17.33 -9.90
C PRO E 59 -17.18 17.61 -9.84
N ASP E 60 -17.50 18.89 -9.69
CA ASP E 60 -18.88 19.35 -9.70
C ASP E 60 -19.52 19.22 -11.08
N ARG E 61 -18.75 18.82 -12.10
CA ARG E 61 -19.31 18.59 -13.43
C ARG E 61 -20.23 17.39 -13.48
N PHE E 62 -20.11 16.48 -12.52
CA PHE E 62 -20.94 15.29 -12.44
C PHE E 62 -22.07 15.54 -11.44
N SER E 63 -23.29 15.20 -11.84
CA SER E 63 -24.43 15.41 -10.96
C SER E 63 -25.48 14.35 -11.23
N GLY E 64 -26.21 14.00 -10.18
CA GLY E 64 -27.26 13.00 -10.26
C GLY E 64 -28.61 13.62 -10.01
N SER E 65 -29.65 13.00 -10.57
CA SER E 65 -31.02 13.43 -10.37
C SER E 65 -31.93 12.22 -10.48
N ILE E 66 -33.09 12.32 -9.84
CA ILE E 66 -34.13 11.31 -9.93
C ILE E 66 -35.33 11.93 -10.65
N ASP E 67 -35.98 11.16 -11.51
CA ASP E 67 -37.21 11.58 -12.19
C ASP E 67 -38.27 10.53 -11.89
N SER E 68 -39.07 10.78 -10.87
CA SER E 68 -40.01 9.77 -10.40
C SER E 68 -41.06 9.45 -11.45
N SER E 69 -41.37 10.40 -12.33
CA SER E 69 -42.40 10.17 -13.34
C SER E 69 -41.97 9.08 -14.31
N SER E 70 -40.73 9.14 -14.80
CA SER E 70 -40.21 8.14 -15.73
C SER E 70 -39.72 6.90 -15.01
N ASN E 71 -39.67 6.91 -13.68
CA ASN E 71 -39.07 5.82 -12.91
C ASN E 71 -37.59 5.65 -13.27
N SER E 72 -36.86 6.77 -13.30
CA SER E 72 -35.48 6.75 -13.77
C SER E 72 -34.60 7.67 -12.93
N ALA E 73 -33.30 7.38 -12.99
CA ALA E 73 -32.25 8.26 -12.49
C ALA E 73 -31.37 8.67 -13.67
N SER E 74 -30.70 9.82 -13.53
CA SER E 74 -29.85 10.33 -14.59
C SER E 74 -28.54 10.88 -14.02
N LEU E 75 -27.45 10.51 -14.68
CA LEU E 75 -26.17 11.16 -14.50
C LEU E 75 -25.99 12.20 -15.59
N ALA E 76 -25.72 13.43 -15.19
CA ALA E 76 -25.40 14.51 -16.11
C ALA E 76 -23.91 14.84 -15.97
N ILE E 77 -23.23 14.95 -17.10
CA ILE E 77 -21.81 15.33 -17.14
C ILE E 77 -21.73 16.60 -17.97
N SER E 78 -21.34 17.70 -17.35
CA SER E 78 -21.18 18.98 -18.03
C SER E 78 -19.71 19.26 -18.27
N GLY E 79 -19.44 20.25 -19.14
CA GLY E 79 -18.08 20.65 -19.49
C GLY E 79 -17.25 19.46 -19.95
N LEU E 80 -17.83 18.67 -20.86
CA LEU E 80 -17.27 17.36 -21.20
C LEU E 80 -15.82 17.46 -21.65
N LYS E 81 -14.97 16.68 -21.00
CA LYS E 81 -13.55 16.59 -21.33
C LYS E 81 -13.25 15.27 -22.02
N SER E 82 -12.09 15.24 -22.70
CA SER E 82 -11.62 14.00 -23.31
C SER E 82 -11.44 12.90 -22.26
N GLU E 83 -11.03 13.26 -21.04
CA GLU E 83 -10.83 12.27 -19.99
C GLU E 83 -12.14 11.67 -19.48
N ASP E 84 -13.28 12.27 -19.82
CA ASP E 84 -14.56 11.71 -19.40
C ASP E 84 -14.93 10.46 -20.19
N GLU E 85 -14.17 10.11 -21.23
CA GLU E 85 -14.49 8.94 -22.04
C GLU E 85 -14.31 7.68 -21.21
N ALA E 86 -15.42 7.04 -20.86
CA ALA E 86 -15.40 5.91 -19.93
C ALA E 86 -16.74 5.20 -20.00
N ASP E 87 -16.82 4.06 -19.31
CA ASP E 87 -18.08 3.39 -19.05
C ASP E 87 -18.71 3.99 -17.79
N TYR E 88 -20.03 4.13 -17.78
CA TYR E 88 -20.74 4.68 -16.63
C TYR E 88 -21.85 3.73 -16.23
N TYR E 89 -21.92 3.40 -14.94
CA TYR E 89 -22.87 2.43 -14.40
C TYR E 89 -23.69 3.08 -13.29
N CYS E 90 -25.00 2.91 -13.34
CA CYS E 90 -25.83 3.17 -12.17
C CYS E 90 -25.88 1.93 -11.28
N GLN E 91 -26.23 2.13 -10.02
CA GLN E 91 -26.30 1.03 -9.07
C GLN E 91 -27.34 1.37 -8.01
N SER E 92 -28.01 0.33 -7.51
CA SER E 92 -29.00 0.52 -6.47
C SER E 92 -29.13 -0.75 -5.66
N PRO E 93 -29.53 -0.67 -4.40
CA PRO E 93 -29.82 -1.89 -3.64
C PRO E 93 -31.07 -2.59 -4.18
N ASP E 94 -31.14 -3.89 -3.93
CA ASP E 94 -32.36 -4.67 -4.18
C ASP E 94 -32.70 -5.44 -2.91
N GLY E 95 -33.72 -4.98 -2.19
CA GLY E 95 -34.22 -5.75 -1.07
C GLY E 95 -33.26 -5.80 0.10
N ARG E 96 -33.23 -6.96 0.75
CA ARG E 96 -32.56 -7.07 2.05
C ARG E 96 -31.05 -6.88 1.91
N TYR E 97 -30.39 -7.66 1.04
CA TYR E 97 -28.93 -7.71 1.03
C TYR E 97 -28.30 -7.58 -0.36
N ASN E 98 -29.05 -7.71 -1.43
CA ASN E 98 -28.44 -7.76 -2.75
C ASN E 98 -28.25 -6.36 -3.32
N ARG E 99 -27.36 -6.28 -4.32
CA ARG E 99 -27.06 -5.04 -5.02
C ARG E 99 -27.10 -5.31 -6.52
N VAL E 100 -27.53 -4.33 -7.30
CA VAL E 100 -27.73 -4.49 -8.73
C VAL E 100 -27.13 -3.30 -9.47
N PHE E 101 -26.32 -3.58 -10.48
CA PHE E 101 -25.81 -2.58 -11.40
C PHE E 101 -26.70 -2.47 -12.65
N GLY E 102 -26.64 -1.31 -13.29
CA GLY E 102 -27.20 -1.15 -14.60
C GLY E 102 -26.35 -1.84 -15.64
N GLY E 103 -26.86 -1.85 -16.88
CA GLY E 103 -26.14 -2.49 -17.96
C GLY E 103 -24.88 -1.79 -18.38
N GLY E 104 -24.74 -0.51 -18.07
CA GLY E 104 -23.57 0.26 -18.43
C GLY E 104 -23.75 1.07 -19.71
N THR E 105 -23.06 2.21 -19.77
CA THR E 105 -23.15 3.12 -20.91
C THR E 105 -21.75 3.52 -21.35
N ARG E 106 -21.43 3.26 -22.61
CA ARG E 106 -20.17 3.69 -23.21
C ARG E 106 -20.29 5.13 -23.67
N LEU E 107 -19.48 6.01 -23.08
CA LEU E 107 -19.51 7.44 -23.40
C LEU E 107 -18.33 7.76 -24.32
N THR E 108 -18.64 8.28 -25.49
CA THR E 108 -17.65 8.66 -26.48
C THR E 108 -17.62 10.18 -26.58
N VAL E 109 -16.41 10.73 -26.65
CA VAL E 109 -16.20 12.18 -26.77
C VAL E 109 -15.69 12.47 -28.17
N LEU E 110 -16.45 13.25 -28.93
CA LEU E 110 -16.22 13.45 -30.35
C LEU E 110 -15.83 14.89 -30.63
N GLY E 111 -15.08 15.08 -31.72
CA GLY E 111 -14.62 16.40 -32.10
C GLY E 111 -13.37 16.87 -31.41
N GLN E 112 -12.60 15.96 -30.83
CA GLN E 112 -11.28 16.30 -30.33
C GLN E 112 -10.38 16.64 -31.50
N PRO E 113 -9.26 17.33 -31.25
CA PRO E 113 -8.36 17.69 -32.35
C PRO E 113 -7.85 16.45 -33.08
N LYS E 114 -7.83 16.52 -34.41
CA LYS E 114 -7.42 15.38 -35.22
C LYS E 114 -5.90 15.21 -35.17
N ALA E 115 -5.44 13.95 -35.22
CA ALA E 115 -4.03 13.60 -35.09
C ALA E 115 -3.64 12.44 -36.02
N ALA E 116 -2.53 12.60 -36.71
CA ALA E 116 -2.10 11.67 -37.72
C ALA E 116 -1.21 10.60 -37.10
N PRO E 117 -1.32 9.33 -37.49
CA PRO E 117 -0.63 8.28 -36.73
C PRO E 117 0.88 8.44 -36.77
N SER E 118 1.52 8.20 -35.60
CA SER E 118 2.96 7.89 -35.57
C SER E 118 3.16 6.39 -35.76
N VAL E 119 3.98 6.00 -36.74
CA VAL E 119 4.14 4.60 -37.13
C VAL E 119 5.60 4.23 -36.94
N THR E 120 5.85 3.13 -36.25
CA THR E 120 7.16 2.53 -36.15
C THR E 120 7.08 1.09 -36.65
N LEU E 121 7.96 0.74 -37.58
CA LEU E 121 8.05 -0.62 -38.11
C LEU E 121 9.38 -1.25 -37.69
N PHE E 122 9.31 -2.47 -37.17
CA PHE E 122 10.45 -3.22 -36.72
C PHE E 122 10.60 -4.47 -37.55
N PRO E 123 11.79 -4.82 -38.01
CA PRO E 123 11.97 -6.11 -38.71
C PRO E 123 12.13 -7.26 -37.73
N PRO E 124 12.14 -8.51 -38.20
CA PRO E 124 12.35 -9.63 -37.29
C PRO E 124 13.73 -9.57 -36.65
N SER E 125 13.81 -10.04 -35.42
CA SER E 125 15.07 -10.04 -34.68
C SER E 125 15.90 -11.26 -35.05
N SER E 126 17.22 -11.14 -34.89
CA SER E 126 18.09 -12.29 -35.10
C SER E 126 17.71 -13.45 -34.20
N GLU E 127 17.24 -13.16 -32.99
CA GLU E 127 16.86 -14.24 -32.08
C GLU E 127 15.66 -15.01 -32.63
N GLU E 128 14.72 -14.30 -33.26
CA GLU E 128 13.53 -14.97 -33.78
C GLU E 128 13.85 -15.72 -35.06
N LEU E 129 14.69 -15.14 -35.91
CA LEU E 129 15.16 -15.87 -37.08
C LEU E 129 15.88 -17.16 -36.69
N GLN E 130 16.58 -17.14 -35.56
CA GLN E 130 17.20 -18.36 -35.05
C GLN E 130 16.17 -19.32 -34.48
N ALA E 131 14.99 -18.84 -34.12
CA ALA E 131 13.87 -19.70 -33.75
C ALA E 131 13.12 -20.21 -34.97
N ASN E 132 13.63 -19.93 -36.17
CA ASN E 132 13.02 -20.36 -37.42
C ASN E 132 11.66 -19.70 -37.65
N LYS E 133 11.51 -18.45 -37.20
CA LYS E 133 10.30 -17.67 -37.38
C LYS E 133 10.72 -16.24 -37.73
N ALA E 134 9.76 -15.44 -38.17
CA ALA E 134 10.03 -14.07 -38.55
C ALA E 134 8.75 -13.26 -38.39
N THR E 135 8.82 -12.20 -37.60
CA THR E 135 7.67 -11.33 -37.36
C THR E 135 8.04 -9.89 -37.65
N LEU E 136 7.28 -9.26 -38.54
CA LEU E 136 7.34 -7.81 -38.76
C LEU E 136 6.29 -7.15 -37.86
N VAL E 137 6.71 -6.13 -37.10
CA VAL E 137 5.86 -5.49 -36.11
C VAL E 137 5.68 -4.03 -36.52
N CYS E 138 4.42 -3.64 -36.76
CA CYS E 138 4.05 -2.28 -37.12
C CYS E 138 3.19 -1.71 -36.01
N LEU E 139 3.67 -0.69 -35.32
CA LEU E 139 3.00 -0.11 -34.17
C LEU E 139 2.53 1.30 -34.50
N ILE E 140 1.23 1.55 -34.30
CA ILE E 140 0.58 2.80 -34.71
C ILE E 140 0.04 3.47 -33.45
N SER E 141 0.40 4.74 -33.25
CA SER E 141 -0.01 5.43 -32.04
C SER E 141 -0.30 6.90 -32.31
N ASP E 142 -0.93 7.53 -31.31
CA ASP E 142 -1.16 8.98 -31.28
C ASP E 142 -2.08 9.46 -32.40
N PHE E 143 -3.03 8.65 -32.85
CA PHE E 143 -3.95 9.08 -33.90
C PHE E 143 -5.33 9.35 -33.32
N TYR E 144 -6.08 10.23 -33.99
CA TYR E 144 -7.45 10.55 -33.65
C TYR E 144 -8.09 11.16 -34.90
N PRO E 145 -9.32 10.78 -35.28
CA PRO E 145 -10.19 9.79 -34.63
C PRO E 145 -9.63 8.37 -34.67
N GLY E 146 -10.11 7.51 -33.78
CA GLY E 146 -9.51 6.19 -33.58
C GLY E 146 -9.91 5.16 -34.62
N ALA E 147 -9.44 5.33 -35.87
CA ALA E 147 -9.79 4.38 -36.93
C ALA E 147 -8.74 4.50 -38.05
N VAL E 148 -7.69 3.70 -37.95
CA VAL E 148 -6.74 3.54 -39.03
C VAL E 148 -7.15 2.32 -39.87
N THR E 149 -6.57 2.23 -41.06
CA THR E 149 -6.61 1.01 -41.87
C THR E 149 -5.19 0.70 -42.29
N VAL E 150 -4.79 -0.57 -42.17
CA VAL E 150 -3.42 -0.99 -42.40
C VAL E 150 -3.37 -1.92 -43.60
N ALA E 151 -2.29 -1.80 -44.37
CA ALA E 151 -2.02 -2.68 -45.49
C ALA E 151 -0.51 -2.93 -45.54
N TRP E 152 -0.14 -4.15 -45.95
CA TRP E 152 1.26 -4.58 -45.96
C TRP E 152 1.73 -4.84 -47.38
N LYS E 153 3.04 -4.73 -47.60
CA LYS E 153 3.61 -4.94 -48.92
C LYS E 153 4.98 -5.58 -48.83
N ALA E 154 5.32 -6.34 -49.87
CA ALA E 154 6.65 -6.89 -50.07
C ALA E 154 7.14 -6.46 -51.45
N ASP E 155 8.30 -5.79 -51.48
CA ASP E 155 8.83 -5.23 -52.72
C ASP E 155 7.74 -4.47 -53.48
N SER E 156 7.03 -3.61 -52.74
CA SER E 156 6.01 -2.72 -53.28
C SER E 156 4.82 -3.47 -53.89
N SER E 157 4.71 -4.78 -53.62
CA SER E 157 3.53 -5.55 -53.99
C SER E 157 2.71 -5.92 -52.74
N PRO E 158 1.38 -5.90 -52.82
CA PRO E 158 0.59 -6.03 -51.60
C PRO E 158 0.61 -7.43 -51.01
N VAL E 159 0.45 -7.49 -49.69
CA VAL E 159 0.45 -8.72 -48.92
C VAL E 159 -0.80 -8.74 -48.06
N LYS E 160 -1.59 -9.82 -48.05
CA LYS E 160 -2.78 -9.92 -47.15
C LYS E 160 -2.74 -11.17 -46.26
N ALA E 161 -2.31 -12.33 -46.76
CA ALA E 161 -2.14 -13.50 -45.93
C ALA E 161 -1.00 -13.24 -44.94
N GLY E 162 -1.12 -13.81 -43.75
CA GLY E 162 -0.08 -13.67 -42.74
C GLY E 162 -0.17 -12.45 -41.85
N VAL E 163 -1.22 -11.65 -41.97
CA VAL E 163 -1.33 -10.37 -41.28
C VAL E 163 -2.35 -10.50 -40.15
N GLU E 164 -1.97 -9.98 -38.98
CA GLU E 164 -2.85 -9.89 -37.82
C GLU E 164 -2.82 -8.45 -37.33
N THR E 165 -3.99 -7.82 -37.25
CA THR E 165 -4.09 -6.42 -36.85
C THR E 165 -5.10 -6.24 -35.72
N THR E 166 -4.74 -5.43 -34.74
CA THR E 166 -5.63 -5.16 -33.61
C THR E 166 -6.66 -4.10 -33.98
N THR E 167 -7.77 -4.07 -33.21
CA THR E 167 -8.65 -2.90 -33.26
C THR E 167 -8.00 -1.74 -32.51
N PRO E 168 -8.31 -0.50 -32.89
CA PRO E 168 -7.78 0.64 -32.13
C PRO E 168 -8.32 0.66 -30.71
N SER E 169 -7.50 1.18 -29.80
CA SER E 169 -7.90 1.32 -28.39
C SER E 169 -7.37 2.63 -27.81
N LYS E 170 -8.09 3.14 -26.82
CA LYS E 170 -7.81 4.45 -26.25
C LYS E 170 -6.62 4.34 -25.30
N GLN E 171 -5.60 5.17 -25.50
CA GLN E 171 -4.40 5.13 -24.69
C GLN E 171 -4.48 6.20 -23.60
N SER E 172 -3.49 6.18 -22.71
CA SER E 172 -3.54 6.97 -21.48
C SER E 172 -3.41 8.47 -21.71
N ASN E 173 -3.20 8.95 -22.93
CA ASN E 173 -3.33 10.36 -23.25
C ASN E 173 -4.56 10.64 -24.12
N ASN E 174 -5.51 9.71 -24.14
CA ASN E 174 -6.83 9.82 -24.76
C ASN E 174 -6.79 9.87 -26.29
N LYS E 175 -5.62 9.76 -26.91
CA LYS E 175 -5.54 9.43 -28.33
C LYS E 175 -5.62 7.90 -28.47
N TYR E 176 -5.48 7.40 -29.70
CA TYR E 176 -5.69 5.98 -29.97
C TYR E 176 -4.40 5.31 -30.42
N ALA E 177 -4.36 3.99 -30.24
CA ALA E 177 -3.21 3.18 -30.63
C ALA E 177 -3.69 1.84 -31.18
N ALA E 178 -2.89 1.28 -32.09
CA ALA E 178 -3.19 0.00 -32.73
C ALA E 178 -1.87 -0.60 -33.21
N SER E 179 -1.90 -1.90 -33.50
CA SER E 179 -0.70 -2.60 -33.93
C SER E 179 -1.06 -3.65 -34.97
N SER E 180 -0.12 -3.90 -35.89
CA SER E 180 -0.27 -4.88 -36.95
C SER E 180 0.98 -5.75 -37.01
N TYR E 181 0.77 -7.05 -37.17
CA TYR E 181 1.84 -8.04 -37.23
C TYR E 181 1.76 -8.81 -38.53
N LEU E 182 2.86 -8.84 -39.27
CA LEU E 182 2.99 -9.66 -40.48
C LEU E 182 3.92 -10.82 -40.16
N SER E 183 3.39 -12.03 -40.16
CA SER E 183 4.13 -13.22 -39.77
C SER E 183 4.65 -13.93 -41.01
N LEU E 184 5.96 -14.09 -41.10
CA LEU E 184 6.61 -14.69 -42.25
C LEU E 184 7.42 -15.91 -41.83
N THR E 185 8.06 -16.56 -42.82
CA THR E 185 9.16 -17.48 -42.60
C THR E 185 10.48 -16.77 -42.85
N PRO E 186 11.58 -17.21 -42.23
CA PRO E 186 12.87 -16.58 -42.53
C PRO E 186 13.21 -16.62 -44.01
N GLU E 187 12.73 -17.61 -44.74
CA GLU E 187 12.99 -17.69 -46.17
C GLU E 187 12.11 -16.75 -46.98
N GLN E 188 10.88 -16.48 -46.51
CA GLN E 188 10.08 -15.42 -47.11
C GLN E 188 10.71 -14.06 -46.83
N TRP E 189 11.10 -13.82 -45.58
CA TRP E 189 11.73 -12.55 -45.21
C TRP E 189 12.97 -12.27 -46.05
N LYS E 190 13.80 -13.28 -46.28
CA LYS E 190 15.04 -13.08 -47.00
C LYS E 190 14.84 -12.96 -48.51
N SER E 191 13.76 -13.51 -49.04
CA SER E 191 13.54 -13.56 -50.48
C SER E 191 12.98 -12.26 -51.06
N HIS E 192 13.00 -11.16 -50.29
CA HIS E 192 12.53 -9.87 -50.77
C HIS E 192 13.50 -8.78 -50.35
N ARG E 193 13.59 -7.74 -51.17
CA ARG E 193 14.52 -6.66 -50.87
C ARG E 193 14.00 -5.73 -49.78
N SER E 194 12.69 -5.67 -49.58
CA SER E 194 12.13 -4.80 -48.55
C SER E 194 10.68 -5.18 -48.29
N TYR E 195 10.20 -4.78 -47.12
CA TYR E 195 8.81 -4.92 -46.70
C TYR E 195 8.30 -3.58 -46.21
N SER E 196 7.00 -3.32 -46.42
CA SER E 196 6.39 -2.06 -46.01
C SER E 196 5.17 -2.28 -45.14
N CYS E 197 4.97 -1.36 -44.21
CA CYS E 197 3.70 -1.19 -43.51
C CYS E 197 3.13 0.15 -43.92
N GLN E 198 1.93 0.14 -44.50
CA GLN E 198 1.26 1.35 -44.95
C GLN E 198 0.02 1.58 -44.10
N VAL E 199 -0.06 2.75 -43.47
CA VAL E 199 -1.13 3.08 -42.53
C VAL E 199 -1.90 4.26 -43.09
N THR E 200 -3.19 4.07 -43.32
CA THR E 200 -4.06 5.07 -43.92
C THR E 200 -5.04 5.59 -42.87
N HIS E 201 -5.17 6.92 -42.80
CA HIS E 201 -5.94 7.56 -41.73
C HIS E 201 -6.52 8.86 -42.24
N GLU E 202 -7.84 9.00 -42.08
CA GLU E 202 -8.58 10.15 -42.62
C GLU E 202 -8.21 10.38 -44.09
N GLY E 203 -8.01 9.28 -44.82
CA GLY E 203 -7.63 9.33 -46.21
C GLY E 203 -6.16 9.58 -46.47
N SER E 204 -5.45 10.19 -45.54
CA SER E 204 -4.02 10.38 -45.68
C SER E 204 -3.27 9.07 -45.36
N THR E 205 -2.01 9.00 -45.79
CA THR E 205 -1.25 7.76 -45.68
C THR E 205 0.16 8.03 -45.20
N VAL E 206 0.63 7.17 -44.29
CA VAL E 206 2.03 7.13 -43.87
C VAL E 206 2.56 5.73 -44.14
N GLU E 207 3.79 5.64 -44.65
CA GLU E 207 4.42 4.38 -44.99
C GLU E 207 5.78 4.27 -44.31
N LYS E 208 6.06 3.08 -43.79
CA LYS E 208 7.36 2.75 -43.19
C LYS E 208 7.89 1.49 -43.86
N THR E 209 9.22 1.39 -43.97
CA THR E 209 9.84 0.29 -44.70
C THR E 209 11.07 -0.22 -43.97
N VAL E 210 11.29 -1.54 -44.07
CA VAL E 210 12.47 -2.19 -43.52
C VAL E 210 12.99 -3.19 -44.55
N ALA E 211 14.24 -3.61 -44.38
CA ALA E 211 14.88 -4.45 -45.39
C ALA E 211 15.86 -5.42 -44.74
N PRO E 212 16.01 -6.63 -45.31
CA PRO E 212 17.03 -7.57 -44.79
C PRO E 212 18.44 -6.99 -44.79
N THR E 213 18.96 -6.72 -43.59
CA THR E 213 20.30 -6.16 -43.42
C THR E 213 20.99 -6.83 -42.22
N LYS F 5 -15.41 -8.96 22.38
CA LYS F 5 -15.52 -7.52 22.21
C LYS F 5 -16.50 -6.90 23.21
N LEU F 6 -16.08 -5.78 23.81
CA LEU F 6 -16.91 -4.98 24.71
C LEU F 6 -17.08 -3.60 24.08
N ALA F 7 -18.32 -3.13 24.04
CA ALA F 7 -18.66 -1.86 23.39
C ALA F 7 -19.41 -0.97 24.38
N ALA F 8 -18.78 0.14 24.75
CA ALA F 8 -19.45 1.21 25.48
C ALA F 8 -19.94 2.24 24.47
N CYS F 9 -20.97 1.84 23.71
CA CYS F 9 -21.47 2.63 22.60
C CYS F 9 -22.97 2.46 22.51
N VAL F 10 -23.65 3.50 22.04
CA VAL F 10 -25.10 3.48 21.86
C VAL F 10 -25.40 3.26 20.38
N THR F 11 -26.20 2.24 20.10
CA THR F 11 -26.59 1.88 18.74
C THR F 11 -28.04 2.29 18.52
N LEU F 12 -28.32 2.88 17.36
CA LEU F 12 -29.65 3.39 17.04
C LEU F 12 -30.14 2.76 15.74
N GLU F 13 -31.46 2.71 15.59
CA GLU F 13 -32.12 2.37 14.32
C GLU F 13 -32.95 3.57 13.92
N CYS F 14 -32.63 4.17 12.78
CA CYS F 14 -33.16 5.47 12.40
C CYS F 14 -33.75 5.43 10.99
N ARG F 15 -34.74 6.29 10.75
CA ARG F 15 -35.34 6.46 9.43
C ARG F 15 -35.88 7.87 9.28
N GLN F 16 -36.65 8.09 8.21
CA GLN F 16 -37.14 9.42 7.89
C GLN F 16 -38.01 9.99 9.00
N VAL F 17 -38.21 11.31 8.92
CA VAL F 17 -39.20 11.96 9.75
C VAL F 17 -40.58 11.80 9.10
N GLU F 36 -31.74 18.74 9.39
CA GLU F 36 -31.53 17.39 8.86
C GLU F 36 -31.72 16.39 10.00
N ILE F 37 -32.92 15.83 10.09
CA ILE F 37 -33.38 15.13 11.28
C ILE F 37 -33.69 13.68 10.92
N LYS F 38 -33.50 12.80 11.92
CA LYS F 38 -33.84 11.40 11.79
C LYS F 38 -34.70 10.96 12.97
N ASN F 39 -35.64 10.05 12.69
CA ASN F 39 -36.47 9.42 13.70
C ASN F 39 -35.80 8.11 14.10
N CYS F 40 -35.31 8.04 15.34
CA CYS F 40 -34.44 6.95 15.77
C CYS F 40 -35.05 6.23 16.97
N SER F 41 -34.76 4.94 17.07
CA SER F 41 -35.17 4.13 18.21
C SER F 41 -33.95 3.41 18.78
N PHE F 42 -33.98 3.22 20.10
CA PHE F 42 -32.93 2.49 20.80
C PHE F 42 -33.56 1.76 21.98
N ASN F 43 -32.92 0.68 22.41
CA ASN F 43 -33.50 -0.15 23.46
C ASN F 43 -33.17 0.41 24.83
N ALA F 44 -34.20 0.54 25.67
CA ALA F 44 -34.07 1.10 27.01
C ALA F 44 -35.02 0.37 27.95
N THR F 45 -34.92 0.68 29.24
CA THR F 45 -35.81 0.11 30.24
C THR F 45 -36.49 1.22 31.04
N THR F 46 -37.70 0.91 31.51
CA THR F 46 -38.50 1.82 32.32
C THR F 46 -38.59 3.20 31.68
N ASP F 50 -36.36 -5.99 35.38
CA ASP F 50 -35.73 -5.56 34.10
C ASP F 50 -36.78 -5.59 32.99
N LYS F 51 -36.47 -5.01 31.82
CA LYS F 51 -37.29 -4.93 30.64
C LYS F 51 -36.36 -4.36 29.57
N LYS F 52 -36.76 -4.55 28.32
CA LYS F 52 -36.20 -3.79 27.23
C LYS F 52 -37.35 -3.36 26.33
N GLN F 53 -37.33 -2.10 25.90
CA GLN F 53 -38.39 -1.57 25.07
C GLN F 53 -37.79 -0.55 24.11
N LYS F 54 -38.40 -0.44 22.94
CA LYS F 54 -37.98 0.57 21.98
C LYS F 54 -38.38 1.94 22.50
N VAL F 55 -37.39 2.84 22.62
CA VAL F 55 -37.65 4.24 22.93
C VAL F 55 -37.29 5.07 21.72
N TYR F 56 -38.23 5.90 21.26
CA TYR F 56 -38.07 6.68 20.04
C TYR F 56 -37.72 8.13 20.36
N ALA F 57 -36.84 8.72 19.56
CA ALA F 57 -36.49 10.12 19.70
C ALA F 57 -35.95 10.62 18.37
N LEU F 58 -36.08 11.95 18.15
CA LEU F 58 -35.51 12.59 16.98
C LEU F 58 -34.06 12.95 17.26
N PHE F 59 -33.18 12.64 16.31
CA PHE F 59 -31.76 13.00 16.38
C PHE F 59 -31.38 13.86 15.19
N TYR F 60 -30.43 14.77 15.40
CA TYR F 60 -29.80 15.44 14.27
C TYR F 60 -28.91 14.44 13.53
N ARG F 61 -29.07 14.38 12.20
CA ARG F 61 -28.26 13.48 11.40
C ARG F 61 -26.78 13.74 11.57
N LEU F 62 -26.42 14.94 12.02
CA LEU F 62 -25.03 15.26 12.31
C LEU F 62 -24.48 14.46 13.49
N ASP F 63 -25.33 14.09 14.44
CA ASP F 63 -24.88 13.48 15.68
C ASP F 63 -24.74 11.96 15.61
N ILE F 64 -25.10 11.33 14.50
CA ILE F 64 -25.12 9.88 14.41
C ILE F 64 -24.20 9.44 13.29
N VAL F 65 -23.57 8.29 13.48
CA VAL F 65 -22.62 7.72 12.53
C VAL F 65 -23.27 6.45 11.92
N PRO F 66 -23.38 6.37 10.61
CA PRO F 66 -23.99 5.16 10.02
C PRO F 66 -23.10 3.93 10.21
N LEU F 67 -23.71 2.85 10.70
CA LEU F 67 -23.03 1.57 10.86
C LEU F 67 -23.26 0.64 9.69
N GLU F 68 -24.11 1.02 8.73
CA GLU F 68 -24.33 0.24 7.53
C GLU F 68 -24.85 1.18 6.46
N GLU F 69 -25.18 0.61 5.30
CA GLU F 69 -25.72 1.38 4.21
C GLU F 69 -27.02 2.09 4.60
N GLU F 70 -27.12 3.36 4.23
CA GLU F 70 -28.29 4.17 4.50
C GLU F 70 -29.37 3.85 3.47
N ARG F 71 -30.59 3.61 3.93
CA ARG F 71 -31.69 3.19 3.07
C ARG F 71 -32.70 4.31 2.88
N LYS F 72 -33.28 4.39 1.69
CA LYS F 72 -34.03 5.58 1.28
C LYS F 72 -35.38 5.64 1.95
N GLY F 73 -36.15 4.57 1.86
CA GLY F 73 -37.44 4.53 2.49
C GLY F 73 -37.56 3.50 3.57
N ASN F 74 -36.44 3.23 4.24
CA ASN F 74 -36.39 2.15 5.22
C ASN F 74 -35.47 2.53 6.37
N SER F 75 -35.50 1.68 7.40
CA SER F 75 -34.70 1.89 8.59
C SER F 75 -33.29 1.33 8.41
N SER F 76 -32.34 1.90 9.14
CA SER F 76 -30.96 1.45 9.09
C SER F 76 -30.26 1.81 10.40
N LYS F 77 -29.18 1.10 10.70
CA LYS F 77 -28.52 1.19 12.00
C LYS F 77 -27.46 2.29 12.01
N TYR F 78 -27.34 2.96 13.17
CA TYR F 78 -26.39 4.03 13.39
C TYR F 78 -25.76 3.83 14.76
N ARG F 79 -24.82 4.72 15.11
CA ARG F 79 -24.32 4.82 16.48
C ARG F 79 -24.03 6.28 16.79
N LEU F 80 -24.02 6.60 18.07
CA LEU F 80 -23.61 7.92 18.52
C LEU F 80 -22.08 8.03 18.42
N ILE F 81 -21.60 9.27 18.41
CA ILE F 81 -20.18 9.50 18.12
C ILE F 81 -19.29 8.97 19.24
N ASN F 82 -19.66 9.21 20.50
CA ASN F 82 -18.85 8.74 21.63
C ASN F 82 -18.96 7.23 21.73
N CYS F 83 -17.84 6.54 21.53
CA CYS F 83 -17.82 5.08 21.47
C CYS F 83 -16.45 4.57 21.90
N GLN F 84 -16.43 3.73 22.93
CA GLN F 84 -15.22 3.07 23.39
C GLN F 84 -15.40 1.56 23.28
N THR F 85 -14.40 0.88 22.73
CA THR F 85 -14.45 -0.56 22.58
C THR F 85 -13.12 -1.18 22.99
N THR F 86 -13.18 -2.45 23.40
CA THR F 86 -11.99 -3.27 23.61
C THR F 86 -12.37 -4.70 23.27
N THR F 87 -11.35 -5.53 23.07
CA THR F 87 -11.59 -6.93 22.78
C THR F 87 -10.71 -7.86 23.61
N LYS F 98 -15.90 -11.49 31.96
CA LYS F 98 -14.99 -11.79 33.06
C LYS F 98 -13.76 -10.88 32.98
N VAL F 99 -13.00 -11.01 31.89
CA VAL F 99 -11.97 -10.02 31.59
C VAL F 99 -12.63 -8.66 31.34
N PHE F 100 -13.75 -8.65 30.62
CA PHE F 100 -14.48 -7.41 30.40
C PHE F 100 -15.07 -6.89 31.70
N LYS F 101 -15.56 -7.80 32.55
CA LYS F 101 -16.21 -7.38 33.78
C LYS F 101 -15.32 -6.47 34.62
N GLN F 102 -14.03 -6.79 34.72
CA GLN F 102 -13.13 -5.97 35.51
C GLN F 102 -12.48 -4.87 34.68
N TYR F 103 -12.29 -5.06 33.37
CA TYR F 103 -11.90 -3.94 32.52
C TYR F 103 -12.86 -2.77 32.70
N ALA F 104 -14.17 -3.07 32.70
CA ALA F 104 -15.18 -2.02 32.81
C ALA F 104 -15.27 -1.48 34.23
N ASN F 105 -15.14 -2.35 35.23
CA ASN F 105 -15.05 -1.88 36.62
C ASN F 105 -13.82 -0.98 36.81
N ASP F 106 -12.68 -1.41 36.26
CA ASP F 106 -11.46 -0.63 36.35
C ASP F 106 -11.61 0.73 35.67
N ASN F 107 -12.09 0.75 34.42
CA ASN F 107 -12.10 1.98 33.63
C ASN F 107 -13.34 2.82 33.84
N GLY F 108 -14.47 2.19 34.13
CA GLY F 108 -15.70 2.93 34.32
C GLY F 108 -16.96 2.17 33.96
N ASP F 110 -21.32 1.91 33.82
CA ASP F 110 -22.08 3.15 33.67
C ASP F 110 -23.56 2.86 33.42
N GLY F 111 -23.93 1.58 33.43
CA GLY F 111 -25.33 1.21 33.26
C GLY F 111 -25.60 -0.23 32.91
N GLU F 112 -26.47 -0.45 31.92
CA GLU F 112 -26.91 -1.78 31.53
C GLU F 112 -25.79 -2.58 30.87
N TRP F 113 -26.07 -3.87 30.61
CA TRP F 113 -25.13 -4.78 29.97
C TRP F 113 -25.89 -5.71 29.03
N THR F 114 -25.13 -6.37 28.14
CA THR F 114 -25.71 -7.09 27.01
C THR F 114 -24.66 -7.98 26.35
N TYR F 115 -25.12 -9.06 25.70
CA TYR F 115 -24.20 -10.03 25.10
C TYR F 115 -24.80 -10.63 23.82
N ASP F 116 -23.91 -10.98 22.88
CA ASP F 116 -24.28 -11.67 21.64
C ASP F 116 -23.18 -12.67 21.30
N LYS F 120 -19.42 -10.80 21.59
CA LYS F 120 -19.59 -9.35 21.62
C LYS F 120 -20.54 -8.96 22.75
N THR F 121 -20.18 -7.90 23.49
CA THR F 121 -20.97 -7.43 24.62
C THR F 121 -21.11 -5.91 24.54
N PHE F 122 -22.07 -5.38 25.31
CA PHE F 122 -22.43 -3.97 25.28
C PHE F 122 -22.71 -3.47 26.68
N THR F 123 -22.48 -2.18 26.92
CA THR F 123 -22.91 -1.51 28.15
C THR F 123 -23.30 -0.08 27.82
N VAL F 124 -24.40 0.39 28.43
CA VAL F 124 -25.06 1.63 28.01
C VAL F 124 -25.77 2.26 29.20
N THR F 125 -26.14 3.53 29.03
CA THR F 125 -26.83 4.25 30.10
C THR F 125 -28.26 3.73 30.26
N GLU F 126 -28.76 3.77 31.49
CA GLU F 126 -30.05 3.19 31.83
C GLU F 126 -31.18 4.07 31.32
#